data_5MR4
#
_entry.id   5MR4
#
_cell.length_a   77.810
_cell.length_b   125.811
_cell.length_c   82.722
_cell.angle_alpha   90.00
_cell.angle_beta   101.93
_cell.angle_gamma   90.00
#
_symmetry.space_group_name_H-M   'P 1 21 1'
#
loop_
_entity.id
_entity.type
_entity.pdbx_description
1 polymer Neurturin
2 polymer 'GDNF family receptor alpha-2'
3 non-polymer DI(HYDROXYETHYL)ETHER
4 non-polymer 'FORMIC ACID'
5 water water
#
loop_
_entity_poly.entity_id
_entity_poly.type
_entity_poly.pdbx_seq_one_letter_code
_entity_poly.pdbx_strand_id
1 'polypeptide(L)'
;ARLGARPCGLRELEVRVSELGLGYASDETVLFRYCAGACEAAARVYDLGLRRLRQRRRLRRERVRAQPCCRPTAYEDEVS
FLDAHSRYHTVHELSARECACV
;
A,B
2 'polypeptide(L)'
;MILANVFCLFFFLDETLRSLASPSSLQGPELHGWRPPVDCVRANELCAAESNCSSRYRTLRQCLAGRDRNTMLANKECQA
ALEVLQESPLYDCRCKRGMKKELQCLQIYWSIHLGLTEGEEFYEASPYEPVTSRLSDIFRLASIFSGTGADPVVSAKSNH
CLDAAKACNLNDNCKKLRSSYISICNREISPTERCNRRKCHKALRQFFDRVPSEYTYRMLFCSCQDQACAERRRQTILPS
CSYEDKEKPNCLDLRGVCRTDHLCRSRLADFHANCRASYQTVTSCPADNYQACLGSYAGMIGFDMTPNYVDSSPTGIVVS
PWCSCRGSGNMEEECEKFLRDFTENPCLRNAIQAFGNGTDVNVSPKGPSFQATQAPRVEKTPSLPDDLSDSTSLGTSVIT
TCTSVQEQGLKANNSKELSMCFTELTTNIIPGSNKVIKPNSGPSRARPSAALTVLSVL
;
C,D
#
loop_
_chem_comp.id
_chem_comp.type
_chem_comp.name
_chem_comp.formula
FMT non-polymer 'FORMIC ACID' 'C H2 O2'
PEG non-polymer DI(HYDROXYETHYL)ETHER 'C4 H10 O3'
#
# COMPACT_ATOMS: atom_id res chain seq x y z
N ALA A 5 -3.97 -31.53 -9.51
CA ALA A 5 -3.73 -30.88 -8.17
C ALA A 5 -4.12 -29.39 -8.21
N ARG A 6 -5.03 -29.00 -7.30
CA ARG A 6 -5.53 -27.61 -7.24
C ARG A 6 -4.47 -26.65 -6.70
N PRO A 7 -4.28 -25.51 -7.38
CA PRO A 7 -3.25 -24.60 -6.92
C PRO A 7 -3.63 -23.89 -5.59
N CYS A 8 -2.63 -23.33 -4.93
CA CYS A 8 -2.82 -22.57 -3.69
C CYS A 8 -4.02 -21.65 -3.76
N GLY A 9 -4.90 -21.72 -2.77
CA GLY A 9 -6.05 -20.80 -2.72
C GLY A 9 -6.95 -21.05 -1.53
N LEU A 10 -8.05 -20.32 -1.51
CA LEU A 10 -9.01 -20.35 -0.41
C LEU A 10 -9.90 -21.53 -0.46
N ARG A 11 -9.98 -22.27 0.64
CA ARG A 11 -10.92 -23.38 0.79
C ARG A 11 -11.91 -23.03 1.91
N GLU A 12 -13.06 -23.69 1.89
CA GLU A 12 -14.19 -23.44 2.81
C GLU A 12 -14.61 -24.73 3.42
N LEU A 13 -14.94 -24.70 4.71
CA LEU A 13 -15.44 -25.88 5.42
C LEU A 13 -16.40 -25.41 6.51
N GLU A 14 -17.56 -26.04 6.57
CA GLU A 14 -18.50 -25.78 7.64
C GLU A 14 -18.05 -26.56 8.87
N VAL A 15 -17.83 -25.88 9.99
CA VAL A 15 -17.40 -26.52 11.22
C VAL A 15 -18.23 -26.12 12.41
N ARG A 16 -18.40 -27.06 13.31
CA ARG A 16 -19.00 -26.83 14.59
C ARG A 16 -17.90 -26.20 15.43
N VAL A 17 -18.15 -25.04 16.06
CA VAL A 17 -17.09 -24.36 16.79
C VAL A 17 -16.47 -25.23 17.92
N SER A 18 -17.24 -26.19 18.46
CA SER A 18 -16.74 -27.12 19.47
C SER A 18 -15.71 -28.15 18.96
N GLU A 19 -15.67 -28.36 17.66
CA GLU A 19 -14.69 -29.26 17.05
C GLU A 19 -13.29 -28.65 17.05
N LEU A 20 -13.18 -27.32 17.13
CA LEU A 20 -11.92 -26.65 16.86
C LEU A 20 -10.83 -26.76 17.92
N GLY A 21 -11.19 -27.25 19.09
CA GLY A 21 -10.26 -27.36 20.20
C GLY A 21 -9.85 -26.06 20.87
N LEU A 22 -10.65 -25.02 20.68
CA LEU A 22 -10.36 -23.68 21.18
C LEU A 22 -11.08 -23.30 22.47
N GLY A 23 -11.79 -24.27 23.06
CA GLY A 23 -12.38 -24.09 24.35
C GLY A 23 -13.79 -23.57 24.35
N TYR A 24 -14.40 -23.49 23.17
CA TYR A 24 -15.76 -23.02 23.02
C TYR A 24 -16.77 -24.16 23.01
N ALA A 25 -17.45 -24.31 24.11
CA ALA A 25 -18.54 -25.27 24.22
C ALA A 25 -19.80 -24.75 23.51
N SER A 26 -19.81 -24.79 22.19
CA SER A 26 -20.96 -24.32 21.41
C SER A 26 -21.31 -25.21 20.24
N ASP A 27 -22.60 -25.38 19.98
CA ASP A 27 -23.06 -26.11 18.83
C ASP A 27 -23.24 -25.23 17.57
N GLU A 28 -22.86 -23.96 17.64
CA GLU A 28 -22.92 -23.12 16.47
C GLU A 28 -21.94 -23.58 15.38
N THR A 29 -22.28 -23.22 14.15
CA THR A 29 -21.46 -23.50 12.97
C THR A 29 -20.79 -22.20 12.51
N VAL A 30 -19.55 -22.30 12.03
CA VAL A 30 -18.91 -21.21 11.29
C VAL A 30 -18.42 -21.72 9.95
N LEU A 31 -18.31 -20.80 9.00
CA LEU A 31 -17.65 -21.09 7.75
C LEU A 31 -16.17 -20.81 7.99
N PHE A 32 -15.42 -21.87 8.14
CA PHE A 32 -13.99 -21.79 8.28
C PHE A 32 -13.31 -21.76 6.90
N ARG A 33 -12.61 -20.68 6.61
CA ARG A 33 -11.83 -20.58 5.41
C ARG A 33 -10.33 -20.68 5.70
N TYR A 34 -9.63 -21.45 4.86
CA TYR A 34 -8.21 -21.66 5.01
C TYR A 34 -7.49 -21.70 3.66
N CYS A 35 -6.17 -21.59 3.72
CA CYS A 35 -5.31 -21.61 2.53
C CYS A 35 -4.70 -22.98 2.37
N ALA A 36 -4.84 -23.57 1.18
CA ALA A 36 -4.30 -24.89 0.84
C ALA A 36 -4.05 -25.00 -0.65
N GLY A 37 -3.29 -26.02 -1.03
CA GLY A 37 -2.89 -26.20 -2.41
C GLY A 37 -1.42 -25.94 -2.70
N ALA A 38 -1.02 -26.39 -3.88
CA ALA A 38 0.34 -26.35 -4.33
C ALA A 38 0.68 -24.99 -4.90
N CYS A 39 1.89 -24.53 -4.60
CA CYS A 39 2.50 -23.36 -5.18
C CYS A 39 3.20 -23.86 -6.45
N GLU A 40 2.67 -23.47 -7.60
CA GLU A 40 3.04 -24.01 -8.90
C GLU A 40 3.96 -23.15 -9.79
N ALA A 41 4.25 -21.92 -9.39
CA ALA A 41 5.14 -21.08 -10.17
C ALA A 41 6.51 -21.70 -10.34
N ALA A 42 7.20 -21.26 -11.39
CA ALA A 42 8.56 -21.64 -11.63
C ALA A 42 9.40 -21.39 -10.40
N ALA A 43 10.33 -22.30 -10.16
CA ALA A 43 11.29 -22.21 -9.09
C ALA A 43 12.10 -20.94 -9.20
N ARG A 44 12.23 -20.23 -8.10
CA ARG A 44 13.00 -19.01 -8.06
C ARG A 44 14.48 -19.31 -8.08
N VAL A 45 15.24 -18.35 -8.58
CA VAL A 45 16.67 -18.49 -8.65
C VAL A 45 17.23 -18.43 -7.21
N TYR A 46 16.66 -17.58 -6.37
CA TYR A 46 16.87 -17.58 -4.92
C TYR A 46 16.71 -18.97 -4.28
N ASP A 47 15.63 -19.67 -4.60
CA ASP A 47 15.39 -20.97 -4.01
C ASP A 47 16.38 -22.03 -4.54
N LEU A 48 16.67 -22.02 -5.84
CA LEU A 48 17.62 -22.96 -6.41
C LEU A 48 19.02 -22.76 -5.80
N GLY A 49 19.43 -21.51 -5.68
CA GLY A 49 20.69 -21.18 -5.00
C GLY A 49 20.74 -21.67 -3.56
N LEU A 50 19.65 -21.42 -2.83
CA LEU A 50 19.54 -21.77 -1.44
C LEU A 50 19.52 -23.28 -1.25
N ARG A 51 18.90 -24.01 -2.16
CA ARG A 51 18.88 -25.48 -2.07
C ARG A 51 20.30 -26.05 -2.26
N ARG A 52 21.06 -25.43 -3.16
CA ARG A 52 22.43 -25.85 -3.47
C ARG A 52 23.38 -25.54 -2.29
N LEU A 53 23.31 -24.33 -1.76
CA LEU A 53 24.07 -23.95 -0.60
C LEU A 53 23.76 -24.80 0.64
N ARG A 54 22.50 -25.14 0.85
CA ARG A 54 22.12 -26.02 1.95
C ARG A 54 22.73 -27.41 1.81
N GLN A 55 22.61 -28.01 0.64
CA GLN A 55 23.14 -29.33 0.39
C GLN A 55 24.64 -29.32 0.62
N ARG A 56 25.29 -28.28 0.12
CA ARG A 56 26.72 -28.10 0.31
C ARG A 56 27.10 -27.73 1.74
N ARG A 57 26.11 -27.61 2.62
CA ARG A 57 26.33 -27.31 4.04
C ARG A 57 27.04 -25.97 4.22
N ARG A 58 26.68 -25.00 3.42
CA ARG A 58 27.27 -23.66 3.51
C ARG A 58 26.49 -22.78 4.48
N LEU A 59 25.34 -23.25 4.91
CA LEU A 59 24.53 -22.52 5.89
C LEU A 59 24.96 -22.89 7.29
N ARG A 60 24.53 -22.08 8.25
CA ARG A 60 25.02 -22.22 9.63
C ARG A 60 24.05 -23.08 10.45
N ARG A 61 23.69 -24.25 9.92
CA ARG A 61 22.79 -25.17 10.62
C ARG A 61 21.61 -24.45 11.26
N GLU A 62 20.67 -24.03 10.42
CA GLU A 62 19.51 -23.30 10.89
C GLU A 62 18.30 -23.70 10.05
N ARG A 63 17.12 -23.43 10.59
CA ARG A 63 15.87 -23.63 9.86
C ARG A 63 15.81 -22.68 8.65
N VAL A 64 15.82 -23.24 7.45
CA VAL A 64 15.67 -22.46 6.22
C VAL A 64 14.57 -23.00 5.32
N ARG A 65 13.67 -22.14 4.91
CA ARG A 65 12.60 -22.52 3.99
C ARG A 65 13.01 -22.18 2.54
N ALA A 66 13.27 -23.21 1.73
CA ALA A 66 13.78 -23.03 0.35
C ALA A 66 12.71 -23.32 -0.70
N GLN A 67 11.48 -23.00 -0.37
CA GLN A 67 10.35 -23.36 -1.19
C GLN A 67 9.22 -22.41 -0.79
N PRO A 68 8.40 -21.95 -1.74
CA PRO A 68 7.33 -21.06 -1.28
C PRO A 68 6.28 -21.75 -0.40
N CYS A 69 5.50 -20.96 0.34
CA CYS A 69 4.45 -21.49 1.21
C CYS A 69 3.12 -20.87 0.83
N CYS A 70 2.07 -21.68 0.87
CA CYS A 70 0.73 -21.21 0.70
C CYS A 70 0.21 -20.81 2.09
N ARG A 71 0.07 -19.50 2.29
CA ARG A 71 -0.33 -18.94 3.58
C ARG A 71 -1.27 -17.77 3.40
N PRO A 72 -2.10 -17.49 4.43
CA PRO A 72 -3.00 -16.34 4.31
C PRO A 72 -2.25 -15.03 4.26
N THR A 73 -2.74 -14.10 3.44
CA THR A 73 -2.23 -12.71 3.45
C THR A 73 -3.16 -11.79 4.23
N ALA A 74 -4.34 -12.27 4.59
CA ALA A 74 -5.27 -11.51 5.38
C ALA A 74 -6.23 -12.45 6.06
N TYR A 75 -6.85 -11.98 7.13
CA TYR A 75 -7.68 -12.81 7.97
C TYR A 75 -9.05 -12.16 8.14
N GLU A 76 -10.07 -12.99 8.39
CA GLU A 76 -11.41 -12.55 8.82
C GLU A 76 -11.35 -11.65 10.04
N ASP A 77 -12.13 -10.56 10.07
CA ASP A 77 -12.16 -9.61 11.21
C ASP A 77 -12.65 -10.28 12.49
N GLU A 78 -13.84 -10.86 12.41
CA GLU A 78 -14.47 -11.46 13.58
C GLU A 78 -15.65 -12.34 13.25
N VAL A 79 -15.87 -13.34 14.10
CA VAL A 79 -17.08 -14.16 14.05
C VAL A 79 -17.54 -14.37 15.51
N SER A 80 -18.85 -14.47 15.71
CA SER A 80 -19.39 -14.62 17.04
C SER A 80 -20.38 -15.77 17.11
N PHE A 81 -20.65 -16.22 18.32
CA PHE A 81 -21.58 -17.31 18.55
C PHE A 81 -21.96 -17.36 20.04
N LEU A 82 -23.07 -18.04 20.33
CA LEU A 82 -23.54 -18.23 21.68
C LEU A 82 -23.21 -19.67 22.07
N ASP A 83 -22.66 -19.85 23.26
CA ASP A 83 -22.33 -21.20 23.78
C ASP A 83 -23.47 -21.87 24.55
N ALA A 84 -23.22 -23.08 24.99
CA ALA A 84 -24.19 -23.91 25.71
C ALA A 84 -24.59 -23.35 27.07
N HIS A 85 -23.78 -22.48 27.64
CA HIS A 85 -24.07 -21.81 28.91
C HIS A 85 -24.68 -20.41 28.72
N SER A 86 -25.15 -20.11 27.51
CA SER A 86 -25.77 -18.82 27.22
C SER A 86 -24.82 -17.62 27.31
N ARG A 87 -23.55 -17.85 27.02
CA ARG A 87 -22.53 -16.83 26.95
C ARG A 87 -22.13 -16.63 25.47
N TYR A 88 -22.05 -15.38 25.06
CA TYR A 88 -21.63 -15.02 23.71
C TYR A 88 -20.10 -14.93 23.65
N HIS A 89 -19.52 -15.30 22.51
CA HIS A 89 -18.07 -15.13 22.27
C HIS A 89 -17.83 -14.57 20.90
N THR A 90 -16.77 -13.76 20.77
CA THR A 90 -16.30 -13.23 19.51
C THR A 90 -14.85 -13.67 19.30
N VAL A 91 -14.54 -14.25 18.14
CA VAL A 91 -13.18 -14.70 17.80
C VAL A 91 -12.68 -13.87 16.63
N HIS A 92 -11.48 -13.36 16.79
CA HIS A 92 -10.82 -12.54 15.75
C HIS A 92 -9.84 -13.40 14.95
N GLU A 93 -9.85 -13.20 13.64
CA GLU A 93 -8.87 -13.82 12.73
C GLU A 93 -8.86 -15.33 12.79
N LEU A 94 -10.04 -15.91 12.91
CA LEU A 94 -10.16 -17.38 12.95
C LEU A 94 -9.96 -17.98 11.57
N SER A 95 -10.49 -17.30 10.55
CA SER A 95 -10.46 -17.73 9.14
C SER A 95 -9.56 -16.88 8.29
N ALA A 96 -9.01 -17.48 7.23
CA ALA A 96 -8.29 -16.75 6.19
C ALA A 96 -9.28 -16.00 5.30
N ARG A 97 -8.87 -14.85 4.81
CA ARG A 97 -9.66 -14.04 3.89
C ARG A 97 -9.07 -14.04 2.47
N GLU A 98 -7.73 -14.07 2.40
CA GLU A 98 -6.94 -14.12 1.17
C GLU A 98 -5.71 -15.00 1.34
N CYS A 99 -5.23 -15.59 0.24
CA CYS A 99 -4.07 -16.50 0.19
C CYS A 99 -3.03 -16.02 -0.79
N ALA A 100 -1.80 -16.47 -0.60
CA ALA A 100 -0.74 -16.23 -1.56
C ALA A 100 0.38 -17.22 -1.33
N CYS A 101 1.20 -17.41 -2.36
CA CYS A 101 2.41 -18.20 -2.23
C CYS A 101 3.56 -17.25 -2.04
N VAL A 102 4.30 -17.42 -0.97
CA VAL A 102 5.40 -16.52 -0.63
C VAL A 102 6.64 -17.38 -0.37
N ALA B 5 17.85 -19.53 20.27
CA ALA B 5 17.64 -19.70 18.79
C ALA B 5 17.28 -18.37 18.11
N ARG B 6 18.08 -17.97 17.14
CA ARG B 6 17.90 -16.69 16.45
C ARG B 6 16.56 -16.66 15.70
N PRO B 7 15.83 -15.52 15.82
CA PRO B 7 14.54 -15.56 15.15
C PRO B 7 14.61 -15.21 13.66
N CYS B 8 13.52 -15.45 12.94
CA CYS B 8 13.41 -15.16 11.50
C CYS B 8 14.04 -13.83 11.10
N GLY B 9 14.97 -13.86 10.16
CA GLY B 9 15.57 -12.63 9.63
C GLY B 9 16.61 -12.88 8.52
N LEU B 10 17.20 -11.78 8.10
CA LEU B 10 18.20 -11.74 7.04
C LEU B 10 19.53 -12.26 7.47
N ARG B 11 20.10 -13.16 6.67
CA ARG B 11 21.44 -13.70 6.87
C ARG B 11 22.25 -13.45 5.58
N GLU B 12 23.57 -13.47 5.70
CA GLU B 12 24.50 -13.07 4.65
C GLU B 12 25.57 -14.10 4.50
N LEU B 13 26.02 -14.30 3.28
CA LEU B 13 27.03 -15.27 2.99
C LEU B 13 27.72 -14.84 1.70
N GLU B 14 29.04 -14.78 1.74
CA GLU B 14 29.83 -14.51 0.55
C GLU B 14 29.94 -15.83 -0.22
N VAL B 15 29.51 -15.83 -1.47
CA VAL B 15 29.61 -17.01 -2.30
C VAL B 15 30.25 -16.71 -3.63
N ARG B 16 30.95 -17.70 -4.14
CA ARG B 16 31.47 -17.67 -5.49
C ARG B 16 30.31 -18.02 -6.41
N VAL B 17 30.10 -17.27 -7.49
CA VAL B 17 28.89 -17.48 -8.29
C VAL B 17 28.85 -18.88 -8.90
N SER B 18 30.02 -19.46 -9.16
CA SER B 18 30.10 -20.81 -9.68
C SER B 18 29.68 -21.90 -8.69
N GLU B 19 29.64 -21.59 -7.40
CA GLU B 19 29.15 -22.54 -6.38
C GLU B 19 27.61 -22.69 -6.40
N LEU B 20 26.92 -21.72 -6.97
CA LEU B 20 25.44 -21.65 -6.90
C LEU B 20 24.66 -22.66 -7.77
N GLY B 21 25.33 -23.26 -8.75
CA GLY B 21 24.72 -24.28 -9.59
C GLY B 21 23.75 -23.77 -10.63
N LEU B 22 23.93 -22.52 -11.03
CA LEU B 22 23.04 -21.79 -11.90
C LEU B 22 23.67 -21.63 -13.27
N GLY B 23 24.77 -22.30 -13.53
CA GLY B 23 25.32 -22.38 -14.88
C GLY B 23 26.33 -21.29 -15.24
N TYR B 24 26.66 -20.43 -14.28
CA TYR B 24 27.61 -19.35 -14.46
C TYR B 24 29.01 -19.79 -14.08
N ALA B 25 29.86 -19.97 -15.09
CA ALA B 25 31.29 -20.25 -14.89
C ALA B 25 32.07 -18.95 -14.60
N SER B 26 32.03 -18.52 -13.35
CA SER B 26 32.65 -17.27 -12.94
C SER B 26 33.25 -17.37 -11.56
N ASP B 27 34.46 -16.82 -11.41
CA ASP B 27 35.10 -16.72 -10.12
C ASP B 27 34.72 -15.46 -9.32
N GLU B 28 33.78 -14.65 -9.80
CA GLU B 28 33.30 -13.53 -9.01
C GLU B 28 32.61 -13.98 -7.74
N THR B 29 32.55 -13.08 -6.75
CA THR B 29 31.76 -13.35 -5.56
C THR B 29 30.57 -12.42 -5.46
N VAL B 30 29.51 -12.93 -4.86
CA VAL B 30 28.34 -12.09 -4.55
C VAL B 30 28.03 -12.22 -3.08
N LEU B 31 27.41 -11.20 -2.52
CA LEU B 31 26.86 -11.30 -1.18
C LEU B 31 25.48 -11.89 -1.33
N PHE B 32 25.35 -13.15 -1.01
CA PHE B 32 24.06 -13.81 -1.01
C PHE B 32 23.34 -13.62 0.32
N ARG B 33 22.20 -12.95 0.31
CA ARG B 33 21.31 -12.80 1.48
C ARG B 33 20.10 -13.70 1.41
N TYR B 34 19.70 -14.24 2.55
CA TYR B 34 18.56 -15.13 2.61
C TYR B 34 17.83 -15.00 3.93
N CYS B 35 16.65 -15.59 4.00
CA CYS B 35 15.81 -15.58 5.19
C CYS B 35 15.90 -16.91 5.91
N ALA B 36 16.15 -16.86 7.20
CA ALA B 36 16.28 -18.05 8.02
C ALA B 36 15.95 -17.71 9.45
N GLY B 37 15.76 -18.77 10.24
CA GLY B 37 15.35 -18.64 11.63
C GLY B 37 13.92 -19.00 11.93
N ALA B 38 13.61 -18.96 13.22
CA ALA B 38 12.35 -19.45 13.80
C ALA B 38 11.32 -18.33 13.88
N CYS B 39 10.08 -18.69 13.60
CA CYS B 39 8.94 -17.80 13.76
C CYS B 39 8.43 -18.07 15.17
N GLU B 40 8.60 -17.10 16.05
CA GLU B 40 8.43 -17.27 17.48
C GLU B 40 7.14 -16.71 18.06
N ALA B 41 6.37 -15.96 17.28
CA ALA B 41 5.12 -15.40 17.77
C ALA B 41 4.18 -16.48 18.27
N ALA B 42 3.31 -16.10 19.20
CA ALA B 42 2.23 -16.96 19.65
C ALA B 42 1.44 -17.52 18.46
N ALA B 43 1.04 -18.77 18.60
CA ALA B 43 0.23 -19.45 17.63
C ALA B 43 -1.10 -18.74 17.42
N ARG B 44 -1.46 -18.60 16.16
CA ARG B 44 -2.73 -18.04 15.74
C ARG B 44 -3.84 -19.01 16.02
N VAL B 45 -5.04 -18.46 16.26
CA VAL B 45 -6.22 -19.31 16.40
C VAL B 45 -6.51 -20.04 15.11
N TYR B 46 -6.26 -19.37 13.98
CA TYR B 46 -6.36 -19.99 12.65
C TYR B 46 -5.53 -21.26 12.55
N ASP B 47 -4.28 -21.19 12.97
CA ASP B 47 -3.39 -22.36 12.88
C ASP B 47 -3.78 -23.45 13.89
N LEU B 48 -4.21 -23.06 15.09
CA LEU B 48 -4.64 -24.03 16.10
C LEU B 48 -5.90 -24.76 15.61
N GLY B 49 -6.81 -24.01 15.03
CA GLY B 49 -8.00 -24.59 14.37
C GLY B 49 -7.64 -25.57 13.26
N LEU B 50 -6.75 -25.13 12.40
CA LEU B 50 -6.34 -25.89 11.25
C LEU B 50 -5.61 -27.18 11.66
N ARG B 51 -4.75 -27.10 12.68
CA ARG B 51 -4.09 -28.27 13.19
C ARG B 51 -5.02 -29.34 13.70
N ARG B 52 -6.07 -28.91 14.41
CA ARG B 52 -7.11 -29.78 14.94
C ARG B 52 -7.96 -30.43 13.81
N LEU B 53 -8.39 -29.61 12.86
CA LEU B 53 -9.16 -30.12 11.75
C LEU B 53 -8.33 -31.09 10.89
N ARG B 54 -7.02 -30.84 10.78
CA ARG B 54 -6.16 -31.75 10.05
C ARG B 54 -6.04 -33.07 10.79
N GLN B 55 -5.81 -33.02 12.09
CA GLN B 55 -5.73 -34.25 12.87
C GLN B 55 -7.00 -35.07 12.77
N ARG B 56 -8.13 -34.39 12.73
CA ARG B 56 -9.43 -35.02 12.67
C ARG B 56 -9.81 -35.44 11.25
N ARG B 57 -8.87 -35.36 10.31
CA ARG B 57 -9.09 -35.75 8.93
C ARG B 57 -10.27 -35.04 8.28
N ARG B 58 -10.42 -33.75 8.55
CA ARG B 58 -11.52 -32.96 7.99
C ARG B 58 -11.16 -32.10 6.79
N LEU B 59 -9.91 -32.11 6.32
CA LEU B 59 -9.47 -31.18 5.25
C LEU B 59 -9.23 -31.73 3.83
N ARG B 60 -10.00 -32.73 3.41
CA ARG B 60 -9.90 -33.22 2.02
C ARG B 60 -8.52 -33.72 1.60
N ARG B 61 -7.72 -34.15 2.55
CA ARG B 61 -6.41 -34.70 2.25
C ARG B 61 -5.66 -33.88 1.19
N GLU B 62 -5.34 -32.65 1.54
CA GLU B 62 -4.61 -31.77 0.65
C GLU B 62 -3.39 -31.21 1.40
N ARG B 63 -2.46 -30.63 0.67
CA ARG B 63 -1.33 -29.94 1.28
C ARG B 63 -1.78 -28.67 2.02
N VAL B 64 -1.51 -28.65 3.34
CA VAL B 64 -1.84 -27.49 4.16
C VAL B 64 -0.67 -27.08 5.06
N ARG B 65 -0.35 -25.80 5.03
CA ARG B 65 0.65 -25.22 5.92
C ARG B 65 -0.05 -24.57 7.14
N ALA B 66 0.14 -25.17 8.31
CA ALA B 66 -0.54 -24.81 9.54
C ALA B 66 0.43 -24.21 10.55
N GLN B 67 1.41 -23.50 10.00
CA GLN B 67 2.50 -22.90 10.75
C GLN B 67 3.02 -21.72 9.94
N PRO B 68 3.46 -20.63 10.59
CA PRO B 68 4.04 -19.58 9.76
C PRO B 68 5.37 -20.00 9.09
N CYS B 69 5.76 -19.26 8.04
CA CYS B 69 6.98 -19.52 7.29
C CYS B 69 7.81 -18.28 7.26
N CYS B 70 9.12 -18.44 7.47
CA CYS B 70 10.09 -17.37 7.35
C CYS B 70 10.51 -17.33 5.88
N ARG B 71 10.07 -16.29 5.17
CA ARG B 71 10.29 -16.17 3.74
C ARG B 71 10.53 -14.72 3.33
N PRO B 72 11.16 -14.51 2.17
CA PRO B 72 11.39 -13.12 1.77
C PRO B 72 10.11 -12.38 1.39
N THR B 73 10.00 -11.13 1.79
CA THR B 73 8.92 -10.24 1.32
C THR B 73 9.39 -9.38 0.15
N ALA B 74 10.70 -9.34 -0.09
CA ALA B 74 11.26 -8.60 -1.20
C ALA B 74 12.64 -9.14 -1.57
N TYR B 75 13.00 -8.94 -2.82
CA TYR B 75 14.20 -9.52 -3.41
C TYR B 75 15.11 -8.44 -3.96
N GLU B 76 16.40 -8.69 -3.96
CA GLU B 76 17.40 -7.86 -4.64
C GLU B 76 17.00 -7.66 -6.09
N ASP B 77 17.21 -6.46 -6.59
CA ASP B 77 16.84 -6.11 -7.97
C ASP B 77 17.71 -6.86 -8.96
N GLU B 78 19.02 -6.66 -8.84
CA GLU B 78 19.98 -7.31 -9.74
C GLU B 78 21.40 -7.32 -9.21
N VAL B 79 22.16 -8.29 -9.67
CA VAL B 79 23.59 -8.35 -9.42
C VAL B 79 24.23 -8.85 -10.71
N SER B 80 25.43 -8.37 -11.00
CA SER B 80 26.11 -8.70 -12.26
C SER B 80 27.53 -9.19 -12.02
N PHE B 81 28.09 -9.84 -13.03
CA PHE B 81 29.44 -10.34 -12.96
C PHE B 81 29.92 -10.79 -14.36
N LEU B 82 31.23 -10.94 -14.50
CA LEU B 82 31.83 -11.34 -15.74
C LEU B 82 32.33 -12.76 -15.52
N ASP B 83 32.10 -13.62 -16.51
CA ASP B 83 32.47 -15.03 -16.40
C ASP B 83 33.85 -15.30 -17.00
N ALA B 84 34.28 -16.55 -16.99
CA ALA B 84 35.63 -16.93 -17.47
C ALA B 84 35.81 -16.81 -18.98
N HIS B 85 34.72 -16.72 -19.73
CA HIS B 85 34.77 -16.54 -21.18
C HIS B 85 34.58 -15.07 -21.56
N SER B 86 34.78 -14.19 -20.59
CA SER B 86 34.66 -12.76 -20.79
C SER B 86 33.28 -12.29 -21.20
N ARG B 87 32.24 -12.98 -20.71
CA ARG B 87 30.88 -12.56 -20.92
C ARG B 87 30.27 -12.06 -19.60
N TYR B 88 29.48 -11.00 -19.68
CA TYR B 88 28.80 -10.42 -18.55
C TYR B 88 27.44 -11.07 -18.39
N HIS B 89 27.00 -11.23 -17.15
CA HIS B 89 25.66 -11.75 -16.83
C HIS B 89 25.05 -10.92 -15.73
N THR B 90 23.74 -10.72 -15.79
CA THR B 90 23.04 -10.13 -14.66
C THR B 90 21.90 -11.04 -14.21
N VAL B 91 21.82 -11.26 -12.90
CA VAL B 91 20.81 -12.11 -12.30
C VAL B 91 19.90 -11.24 -11.45
N HIS B 92 18.60 -11.47 -11.61
CA HIS B 92 17.57 -10.71 -10.93
C HIS B 92 17.01 -11.55 -9.78
N GLU B 93 16.75 -10.90 -8.66
CA GLU B 93 16.13 -11.54 -7.51
C GLU B 93 16.86 -12.76 -6.99
N LEU B 94 18.19 -12.68 -6.97
CA LEU B 94 18.99 -13.81 -6.48
C LEU B 94 19.00 -13.83 -4.96
N SER B 95 19.08 -12.68 -4.34
CA SER B 95 19.08 -12.53 -2.87
C SER B 95 17.76 -11.97 -2.34
N ALA B 96 17.45 -12.35 -1.10
CA ALA B 96 16.39 -11.71 -0.35
C ALA B 96 16.87 -10.32 0.07
N ARG B 97 15.94 -9.39 0.19
CA ARG B 97 16.20 -8.05 0.70
C ARG B 97 15.48 -7.78 2.06
N GLU B 98 14.33 -8.42 2.30
CA GLU B 98 13.55 -8.31 3.53
C GLU B 98 12.88 -9.65 3.82
N CYS B 99 12.61 -9.91 5.11
CA CYS B 99 12.05 -11.18 5.59
C CYS B 99 10.84 -10.92 6.46
N ALA B 100 9.94 -11.90 6.52
CA ALA B 100 8.79 -11.85 7.43
C ALA B 100 8.34 -13.28 7.68
N CYS B 101 7.60 -13.44 8.77
CA CYS B 101 6.94 -14.67 9.13
C CYS B 101 5.52 -14.48 8.70
N VAL B 102 5.04 -15.36 7.81
CA VAL B 102 3.69 -15.29 7.30
C VAL B 102 3.02 -16.65 7.46
N PRO C 36 -45.87 11.68 -7.22
CA PRO C 36 -45.56 11.08 -5.91
C PRO C 36 -45.45 12.15 -4.83
N PRO C 37 -46.26 12.07 -3.73
CA PRO C 37 -46.03 13.10 -2.70
C PRO C 37 -44.59 13.12 -2.18
N VAL C 38 -44.23 14.21 -1.53
CA VAL C 38 -42.86 14.43 -1.12
C VAL C 38 -42.69 14.06 0.34
N ASP C 39 -41.49 13.61 0.70
CA ASP C 39 -41.18 13.34 2.09
C ASP C 39 -40.91 14.64 2.85
N CYS C 40 -40.77 14.54 4.17
CA CYS C 40 -40.64 15.70 5.02
C CYS C 40 -39.33 16.46 4.83
N VAL C 41 -38.23 15.77 4.52
CA VAL C 41 -36.94 16.42 4.35
C VAL C 41 -36.97 17.34 3.13
N ARG C 42 -37.52 16.83 2.04
CA ARG C 42 -37.67 17.58 0.82
C ARG C 42 -38.66 18.72 0.99
N ALA C 43 -39.79 18.46 1.63
CA ALA C 43 -40.81 19.47 1.87
C ALA C 43 -40.27 20.66 2.67
N ASN C 44 -39.35 20.35 3.57
CA ASN C 44 -38.69 21.35 4.35
C ASN C 44 -37.67 22.18 3.54
N GLU C 45 -37.01 21.56 2.57
CA GLU C 45 -36.11 22.27 1.68
C GLU C 45 -36.89 23.34 0.90
N LEU C 46 -37.99 22.91 0.30
CA LEU C 46 -38.89 23.75 -0.47
C LEU C 46 -39.46 24.91 0.35
N CYS C 47 -39.83 24.63 1.60
CA CYS C 47 -40.37 25.64 2.45
C CYS C 47 -39.27 26.64 2.91
N ALA C 48 -38.12 26.11 3.32
CA ALA C 48 -36.98 26.95 3.74
C ALA C 48 -36.46 27.90 2.65
N ALA C 49 -36.63 27.52 1.38
CA ALA C 49 -36.21 28.35 0.28
C ALA C 49 -37.11 29.56 0.01
N GLU C 50 -38.31 29.64 0.61
CA GLU C 50 -39.18 30.78 0.39
C GLU C 50 -39.57 31.46 1.73
N SER C 51 -39.25 32.74 1.84
CA SER C 51 -39.22 33.39 3.12
C SER C 51 -40.57 33.41 3.84
N ASN C 52 -41.67 33.46 3.11
CA ASN C 52 -43.00 33.48 3.72
C ASN C 52 -43.34 32.12 4.36
N CYS C 53 -43.22 31.04 3.57
CA CYS C 53 -43.41 29.66 4.07
C CYS C 53 -42.54 29.41 5.30
N SER C 54 -41.28 29.71 5.18
CA SER C 54 -40.30 29.54 6.26
C SER C 54 -40.70 30.23 7.58
N SER C 55 -41.19 31.46 7.46
CA SER C 55 -41.68 32.21 8.60
C SER C 55 -42.98 31.59 9.15
N ARG C 56 -43.91 31.22 8.26
CA ARG C 56 -45.14 30.54 8.69
C ARG C 56 -44.83 29.24 9.44
N TYR C 57 -43.83 28.49 8.93
CA TYR C 57 -43.38 27.26 9.50
C TYR C 57 -42.80 27.45 10.89
N ARG C 58 -41.91 28.43 11.01
CA ARG C 58 -41.32 28.76 12.30
C ARG C 58 -42.38 29.14 13.35
N THR C 59 -43.39 29.91 12.92
CA THR C 59 -44.51 30.30 13.78
C THR C 59 -45.32 29.06 14.24
N LEU C 60 -45.71 28.20 13.32
CA LEU C 60 -46.48 27.00 13.66
C LEU C 60 -45.73 26.08 14.64
N ARG C 61 -44.45 25.87 14.37
CA ARG C 61 -43.55 25.12 15.24
C ARG C 61 -43.59 25.66 16.68
N GLN C 62 -43.42 26.97 16.82
CA GLN C 62 -43.51 27.66 18.10
C GLN C 62 -44.90 27.48 18.75
N CYS C 63 -45.96 27.61 17.97
CA CYS C 63 -47.32 27.42 18.51
C CYS C 63 -47.51 26.01 19.09
N LEU C 64 -47.10 25.00 18.31
CA LEU C 64 -47.23 23.59 18.71
C LEU C 64 -46.32 23.11 19.82
N ALA C 65 -45.19 23.78 20.05
CA ALA C 65 -44.32 23.49 21.19
C ALA C 65 -44.91 23.95 22.55
N GLY C 66 -46.24 24.19 22.61
CA GLY C 66 -46.95 24.62 23.85
C GLY C 66 -48.08 23.69 24.30
N ASN C 75 -54.16 30.74 18.50
CA ASN C 75 -54.65 32.12 18.46
C ASN C 75 -54.93 32.62 17.01
N LYS C 76 -54.66 33.90 16.74
CA LYS C 76 -54.88 34.52 15.43
C LYS C 76 -53.78 34.17 14.42
N GLU C 77 -52.53 34.40 14.83
CA GLU C 77 -51.38 34.17 13.95
C GLU C 77 -51.17 32.68 13.70
N CYS C 78 -51.28 31.87 14.76
CA CYS C 78 -51.15 30.41 14.68
C CYS C 78 -52.08 29.80 13.64
N GLN C 79 -53.34 30.24 13.65
CA GLN C 79 -54.34 29.76 12.69
C GLN C 79 -53.97 30.14 11.25
N ALA C 80 -53.47 31.36 11.07
CA ALA C 80 -53.04 31.83 9.74
C ALA C 80 -51.81 31.06 9.25
N ALA C 81 -50.91 30.73 10.18
CA ALA C 81 -49.72 29.96 9.85
C ALA C 81 -50.11 28.55 9.41
N LEU C 82 -50.97 27.89 10.19
CA LEU C 82 -51.52 26.59 9.80
C LEU C 82 -52.17 26.58 8.41
N GLU C 83 -52.98 27.58 8.12
CA GLU C 83 -53.64 27.70 6.82
C GLU C 83 -52.68 27.78 5.65
N VAL C 84 -51.59 28.52 5.81
CA VAL C 84 -50.58 28.61 4.74
C VAL C 84 -49.87 27.29 4.54
N LEU C 85 -49.55 26.62 5.65
CA LEU C 85 -48.82 25.36 5.55
C LEU C 85 -49.68 24.21 5.05
N GLN C 86 -50.99 24.28 5.23
CA GLN C 86 -51.90 23.29 4.64
C GLN C 86 -51.84 23.24 3.12
N GLU C 87 -51.46 24.34 2.48
CA GLU C 87 -51.28 24.36 1.01
C GLU C 87 -49.86 24.02 0.59
N SER C 88 -48.96 23.84 1.55
CA SER C 88 -47.56 23.49 1.28
C SER C 88 -47.37 21.99 1.28
N PRO C 89 -46.25 21.51 0.71
CA PRO C 89 -46.01 20.08 0.78
C PRO C 89 -45.61 19.55 2.18
N LEU C 90 -45.38 20.42 3.17
CA LEU C 90 -45.18 19.98 4.56
C LEU C 90 -46.42 19.30 5.12
N TYR C 91 -47.59 19.76 4.72
CA TYR C 91 -48.84 19.15 5.14
C TYR C 91 -48.96 17.77 4.50
N ASP C 92 -49.15 16.75 5.32
CA ASP C 92 -49.23 15.38 4.84
C ASP C 92 -47.89 14.75 4.42
N CYS C 93 -46.76 15.39 4.72
CA CYS C 93 -45.47 14.77 4.45
C CYS C 93 -45.28 13.55 5.37
N ARG C 94 -44.55 12.57 4.86
CA ARG C 94 -44.34 11.29 5.54
C ARG C 94 -42.91 10.86 5.37
N CYS C 95 -42.52 9.86 6.17
CA CYS C 95 -41.17 9.29 6.15
C CYS C 95 -41.20 7.80 5.78
N LYS C 96 -40.00 7.24 5.60
CA LYS C 96 -39.81 5.84 5.19
C LYS C 96 -38.69 5.22 6.02
N ARG C 97 -38.88 3.97 6.44
CA ARG C 97 -37.81 3.23 7.12
C ARG C 97 -36.62 3.04 6.19
N GLY C 98 -35.41 3.21 6.71
CA GLY C 98 -34.19 3.09 5.91
C GLY C 98 -33.94 4.19 4.90
N MET C 99 -34.66 5.31 4.99
CA MET C 99 -34.41 6.46 4.14
C MET C 99 -33.14 7.16 4.61
N LYS C 100 -32.57 7.95 3.71
CA LYS C 100 -31.50 8.88 4.08
C LYS C 100 -32.12 9.96 4.97
N LYS C 101 -31.44 10.32 6.05
CA LYS C 101 -31.89 11.40 6.92
C LYS C 101 -33.27 11.11 7.56
N GLU C 102 -33.44 9.87 7.98
CA GLU C 102 -34.66 9.39 8.64
C GLU C 102 -34.98 10.26 9.85
N LEU C 103 -33.99 10.47 10.70
CA LEU C 103 -34.15 11.29 11.89
C LEU C 103 -34.62 12.73 11.61
N GLN C 104 -34.03 13.35 10.58
CA GLN C 104 -34.38 14.73 10.19
C GLN C 104 -35.82 14.76 9.74
N CYS C 105 -36.19 13.77 8.92
CA CYS C 105 -37.56 13.64 8.41
C CYS C 105 -38.57 13.62 9.56
N LEU C 106 -38.25 12.82 10.59
CA LEU C 106 -39.11 12.61 11.71
C LEU C 106 -39.18 13.87 12.57
N GLN C 107 -38.05 14.53 12.78
CA GLN C 107 -38.04 15.82 13.47
C GLN C 107 -38.98 16.82 12.80
N ILE C 108 -38.96 16.85 11.46
CA ILE C 108 -39.84 17.73 10.71
C ILE C 108 -41.32 17.31 10.90
N TYR C 109 -41.61 16.04 10.70
CA TYR C 109 -42.96 15.51 10.90
C TYR C 109 -43.55 15.89 12.26
N TRP C 110 -42.83 15.60 13.33
CA TRP C 110 -43.35 15.88 14.67
C TRP C 110 -43.43 17.37 15.04
N SER C 111 -42.54 18.18 14.48
CA SER C 111 -42.52 19.64 14.74
C SER C 111 -43.81 20.35 14.34
N ILE C 112 -44.49 19.82 13.32
CA ILE C 112 -45.77 20.34 12.81
C ILE C 112 -46.99 19.44 13.01
N HIS C 113 -46.85 18.36 13.77
CA HIS C 113 -47.95 17.41 14.01
C HIS C 113 -48.95 17.96 15.04
N LEU C 114 -50.22 17.93 14.66
CA LEU C 114 -51.33 18.37 15.52
C LEU C 114 -51.87 17.26 16.43
N GLY C 115 -51.67 17.42 17.74
CA GLY C 115 -52.15 16.45 18.75
C GLY C 115 -52.72 17.12 19.98
N GLU C 121 -53.76 10.62 21.27
CA GLU C 121 -52.78 10.68 22.35
C GLU C 121 -52.36 9.32 22.92
N PHE C 122 -53.28 8.36 23.06
CA PHE C 122 -52.88 6.99 23.45
C PHE C 122 -52.16 6.29 22.28
N TYR C 123 -52.82 6.30 21.12
CA TYR C 123 -52.21 5.87 19.85
C TYR C 123 -51.97 7.08 18.94
N GLU C 124 -50.71 7.43 18.67
CA GLU C 124 -50.39 8.51 17.72
C GLU C 124 -50.26 7.90 16.34
N ALA C 125 -50.63 8.64 15.31
CA ALA C 125 -50.53 8.16 13.94
C ALA C 125 -49.06 7.99 13.59
N SER C 126 -48.76 7.03 12.73
CA SER C 126 -47.37 6.75 12.38
C SER C 126 -46.87 7.70 11.32
N PRO C 127 -45.66 8.26 11.49
CA PRO C 127 -45.05 9.05 10.39
C PRO C 127 -44.66 8.23 9.17
N TYR C 128 -44.67 6.89 9.28
CA TYR C 128 -44.27 6.01 8.19
C TYR C 128 -45.44 5.58 7.31
N GLU C 129 -46.65 5.80 7.81
CA GLU C 129 -47.89 5.45 7.10
C GLU C 129 -48.12 6.31 5.86
N PRO C 130 -48.20 5.70 4.66
CA PRO C 130 -48.61 6.52 3.49
C PRO C 130 -50.07 6.97 3.58
N VAL C 131 -50.40 8.03 2.86
CA VAL C 131 -51.75 8.63 2.88
C VAL C 131 -52.83 7.72 2.26
N SER C 158 -34.70 -31.12 16.45
CA SER C 158 -34.55 -29.92 15.61
C SER C 158 -34.59 -28.66 16.47
N ASN C 159 -33.54 -27.84 16.39
CA ASN C 159 -33.48 -26.54 17.07
C ASN C 159 -33.49 -25.45 16.02
N HIS C 160 -34.63 -24.78 15.88
CA HIS C 160 -34.80 -23.80 14.82
C HIS C 160 -33.99 -22.53 15.02
N CYS C 161 -33.69 -22.20 16.27
CA CYS C 161 -32.91 -21.03 16.56
C CYS C 161 -31.44 -21.26 16.25
N LEU C 162 -30.97 -22.48 16.49
CA LEU C 162 -29.64 -22.91 16.07
C LEU C 162 -29.50 -22.93 14.54
N ASP C 163 -30.50 -23.45 13.85
CA ASP C 163 -30.54 -23.40 12.39
C ASP C 163 -30.46 -21.97 11.87
N ALA C 164 -31.12 -21.06 12.56
CA ALA C 164 -31.19 -19.67 12.13
C ALA C 164 -29.83 -18.99 12.29
N ALA C 165 -29.16 -19.29 13.40
CA ALA C 165 -27.80 -18.78 13.65
C ALA C 165 -26.80 -19.33 12.64
N LYS C 166 -26.96 -20.57 12.23
CA LYS C 166 -26.10 -21.17 11.20
C LYS C 166 -26.28 -20.49 9.84
N ALA C 167 -27.52 -20.31 9.40
CA ALA C 167 -27.79 -19.59 8.15
C ALA C 167 -27.19 -18.19 8.16
N CYS C 168 -27.24 -17.54 9.31
CA CYS C 168 -26.68 -16.21 9.46
C CYS C 168 -25.16 -16.21 9.36
N ASN C 169 -24.51 -17.07 10.13
CA ASN C 169 -23.04 -17.20 10.08
C ASN C 169 -22.48 -17.70 8.75
N LEU C 170 -23.31 -18.37 7.94
CA LEU C 170 -22.87 -18.82 6.62
C LEU C 170 -23.11 -17.80 5.50
N ASN C 171 -23.69 -16.67 5.86
CA ASN C 171 -23.86 -15.52 4.99
C ASN C 171 -22.97 -14.38 5.45
N ASP C 172 -22.12 -13.90 4.55
CA ASP C 172 -21.08 -12.94 4.92
C ASP C 172 -21.66 -11.69 5.55
N ASN C 173 -22.68 -11.11 4.93
CA ASN C 173 -23.24 -9.87 5.44
C ASN C 173 -23.88 -10.07 6.87
N CYS C 174 -24.67 -11.12 7.04
CA CYS C 174 -25.33 -11.42 8.31
C CYS C 174 -24.29 -11.71 9.38
N LYS C 175 -23.28 -12.51 9.04
CA LYS C 175 -22.22 -12.87 9.96
C LYS C 175 -21.46 -11.67 10.48
N LYS C 176 -21.11 -10.77 9.58
CA LYS C 176 -20.43 -9.53 9.95
C LYS C 176 -21.27 -8.67 10.90
N LEU C 177 -22.49 -8.35 10.50
CA LEU C 177 -23.34 -7.42 11.24
C LEU C 177 -23.86 -8.07 12.57
N ARG C 178 -24.02 -9.39 12.58
CA ARG C 178 -24.31 -10.12 13.78
C ARG C 178 -23.15 -10.03 14.76
N SER C 179 -21.96 -10.38 14.29
CA SER C 179 -20.79 -10.34 15.14
C SER C 179 -20.52 -8.93 15.64
N SER C 180 -20.78 -7.94 14.81
CA SER C 180 -20.55 -6.58 15.20
C SER C 180 -21.42 -6.17 16.41
N TYR C 181 -22.72 -6.48 16.41
CA TYR C 181 -23.57 -6.10 17.56
C TYR C 181 -23.28 -7.00 18.76
N ILE C 182 -22.93 -8.26 18.51
CA ILE C 182 -22.59 -9.13 19.60
C ILE C 182 -21.37 -8.61 20.34
N SER C 183 -20.33 -8.26 19.61
CA SER C 183 -19.07 -7.86 20.25
C SER C 183 -19.20 -6.51 20.92
N ILE C 184 -19.93 -5.57 20.34
CA ILE C 184 -20.19 -4.29 21.00
C ILE C 184 -21.06 -4.47 22.25
N CYS C 185 -22.12 -5.25 22.14
CA CYS C 185 -23.07 -5.39 23.25
C CYS C 185 -22.51 -6.24 24.40
N ASN C 186 -21.54 -7.11 24.10
CA ASN C 186 -20.98 -8.05 25.09
C ASN C 186 -19.76 -7.46 25.81
N ARG C 187 -19.26 -6.31 25.36
CA ARG C 187 -18.04 -5.69 25.92
C ARG C 187 -18.34 -4.87 27.18
N GLU C 188 -17.85 -5.34 28.32
CA GLU C 188 -17.99 -4.63 29.60
C GLU C 188 -17.16 -3.35 29.61
N ILE C 189 -17.76 -2.25 30.06
CA ILE C 189 -17.04 -0.99 30.19
C ILE C 189 -16.37 -0.90 31.57
N SER C 190 -17.06 -1.31 32.64
CA SER C 190 -16.54 -1.29 34.02
C SER C 190 -17.40 -2.27 34.82
N PRO C 191 -17.17 -2.40 36.15
CA PRO C 191 -18.07 -3.27 36.98
C PRO C 191 -19.49 -2.73 37.19
N THR C 192 -19.67 -1.42 37.04
CA THR C 192 -20.98 -0.77 37.16
C THR C 192 -21.64 -0.47 35.80
N GLU C 193 -20.95 -0.82 34.72
CA GLU C 193 -21.45 -0.59 33.36
C GLU C 193 -21.20 -1.84 32.48
N ARG C 194 -22.28 -2.61 32.27
CA ARG C 194 -22.28 -3.87 31.54
C ARG C 194 -21.81 -3.70 30.08
N CYS C 195 -22.06 -2.53 29.49
CA CYS C 195 -21.78 -2.26 28.09
C CYS C 195 -22.02 -0.81 27.77
N ASN C 196 -21.61 -0.42 26.58
CA ASN C 196 -22.05 0.85 26.00
C ASN C 196 -23.42 0.65 25.32
N ARG C 197 -24.47 0.95 26.07
CA ARG C 197 -25.86 0.67 25.65
C ARG C 197 -26.24 1.38 24.34
N ARG C 198 -25.86 2.64 24.24
CA ARG C 198 -26.09 3.44 23.04
C ARG C 198 -25.44 2.83 21.83
N LYS C 199 -24.17 2.45 21.98
CA LYS C 199 -23.43 1.83 20.87
C LYS C 199 -24.07 0.47 20.52
N CYS C 200 -24.45 -0.27 21.56
CA CYS C 200 -25.12 -1.57 21.38
C CYS C 200 -26.42 -1.43 20.59
N HIS C 201 -27.24 -0.46 21.00
CA HIS C 201 -28.51 -0.22 20.34
C HIS C 201 -28.32 0.13 18.89
N LYS C 202 -27.38 1.01 18.64
CA LYS C 202 -27.05 1.43 17.28
C LYS C 202 -26.67 0.24 16.42
N ALA C 203 -25.90 -0.69 16.97
CA ALA C 203 -25.46 -1.83 16.17
C ALA C 203 -26.60 -2.83 15.95
N LEU C 204 -27.53 -2.89 16.90
CA LEU C 204 -28.73 -3.71 16.74
C LEU C 204 -29.60 -3.14 15.64
N ARG C 205 -29.79 -1.82 15.65
CA ARG C 205 -30.51 -1.14 14.52
C ARG C 205 -29.89 -1.43 13.16
N GLN C 206 -28.57 -1.38 13.09
CA GLN C 206 -27.85 -1.72 11.86
C GLN C 206 -28.09 -3.14 11.39
N PHE C 207 -28.12 -4.10 12.33
CA PHE C 207 -28.41 -5.53 12.00
C PHE C 207 -29.81 -5.68 11.43
N PHE C 208 -30.80 -5.11 12.11
CA PHE C 208 -32.18 -5.22 11.63
C PHE C 208 -32.48 -4.40 10.37
N ASP C 209 -31.75 -3.30 10.12
CA ASP C 209 -31.94 -2.47 8.92
C ASP C 209 -31.15 -2.97 7.69
N ARG C 210 -30.00 -3.61 7.90
CA ARG C 210 -29.10 -3.93 6.79
C ARG C 210 -28.94 -5.41 6.53
N VAL C 211 -29.63 -6.26 7.28
CA VAL C 211 -29.62 -7.70 6.99
C VAL C 211 -31.04 -8.07 6.62
N PRO C 212 -31.24 -8.81 5.53
CA PRO C 212 -32.63 -9.13 5.16
C PRO C 212 -33.40 -9.88 6.26
N SER C 213 -34.70 -9.70 6.27
CA SER C 213 -35.58 -10.29 7.25
C SER C 213 -35.60 -11.82 7.15
N GLU C 214 -35.29 -12.36 5.97
CA GLU C 214 -35.18 -13.80 5.87
C GLU C 214 -34.15 -14.37 6.88
N TYR C 215 -33.09 -13.61 7.18
CA TYR C 215 -32.14 -13.98 8.23
C TYR C 215 -32.57 -13.51 9.61
N THR C 216 -32.96 -12.24 9.74
CA THR C 216 -33.15 -11.64 11.07
C THR C 216 -34.40 -12.12 11.79
N TYR C 217 -35.51 -12.26 11.06
CA TYR C 217 -36.78 -12.73 11.66
C TYR C 217 -36.73 -14.21 12.05
N ARG C 218 -35.98 -14.99 11.31
CA ARG C 218 -35.78 -16.39 11.56
C ARG C 218 -35.04 -16.57 12.90
N MET C 219 -34.15 -15.64 13.22
CA MET C 219 -33.49 -15.61 14.52
C MET C 219 -34.38 -15.07 15.66
N LEU C 220 -35.10 -13.98 15.41
CA LEU C 220 -35.95 -13.35 16.43
C LEU C 220 -37.27 -14.10 16.74
N PHE C 221 -37.89 -14.65 15.72
CA PHE C 221 -39.19 -15.28 15.83
C PHE C 221 -39.19 -16.82 15.66
N CYS C 222 -38.04 -17.48 15.70
CA CYS C 222 -37.99 -18.96 15.57
C CYS C 222 -38.87 -19.65 16.60
N SER C 223 -39.44 -20.78 16.24
CA SER C 223 -40.22 -21.56 17.22
C SER C 223 -39.37 -22.55 18.00
N CYS C 224 -39.82 -22.81 19.22
CA CYS C 224 -39.08 -23.63 20.18
C CYS C 224 -40.00 -24.61 20.90
N GLN C 225 -39.41 -25.75 21.24
CA GLN C 225 -40.05 -26.80 22.03
C GLN C 225 -39.33 -27.09 23.33
N ASP C 226 -38.10 -26.62 23.49
CA ASP C 226 -37.34 -26.80 24.76
C ASP C 226 -36.71 -25.50 25.24
N GLN C 227 -36.21 -25.53 26.45
CA GLN C 227 -35.70 -24.35 27.09
C GLN C 227 -34.38 -23.85 26.46
N ALA C 228 -33.52 -24.74 25.98
CA ALA C 228 -32.25 -24.30 25.41
C ALA C 228 -32.48 -23.46 24.12
N CYS C 229 -33.51 -23.82 23.36
CA CYS C 229 -33.89 -23.11 22.13
C CYS C 229 -34.46 -21.77 22.53
N ALA C 230 -35.36 -21.77 23.50
CA ALA C 230 -36.00 -20.54 23.93
C ALA C 230 -35.04 -19.55 24.56
N GLU C 231 -34.02 -20.05 25.24
CA GLU C 231 -32.99 -19.18 25.82
C GLU C 231 -32.09 -18.59 24.74
N ARG C 232 -31.80 -19.38 23.70
CA ARG C 232 -31.07 -18.87 22.56
C ARG C 232 -31.88 -17.72 21.91
N ARG C 233 -33.18 -17.93 21.68
CA ARG C 233 -34.07 -16.91 21.17
C ARG C 233 -34.08 -15.63 22.04
N ARG C 234 -34.23 -15.82 23.35
CA ARG C 234 -34.24 -14.72 24.32
C ARG C 234 -32.95 -13.91 24.25
N GLN C 235 -31.84 -14.60 23.99
CA GLN C 235 -30.53 -13.95 23.90
C GLN C 235 -30.19 -13.25 22.58
N THR C 236 -31.03 -13.37 21.54
CA THR C 236 -30.76 -12.77 20.23
C THR C 236 -30.27 -11.32 20.34
N ILE C 237 -30.99 -10.49 21.10
CA ILE C 237 -30.64 -9.04 21.22
C ILE C 237 -29.57 -8.74 22.30
N LEU C 238 -29.08 -9.80 22.94
CA LEU C 238 -28.16 -9.71 24.05
C LEU C 238 -28.79 -8.82 25.12
N PRO C 239 -29.98 -9.21 25.64
CA PRO C 239 -30.80 -8.41 26.60
C PRO C 239 -30.09 -7.89 27.89
N SER C 240 -29.03 -8.57 28.29
CA SER C 240 -28.26 -8.16 29.44
C SER C 240 -27.69 -6.74 29.31
N CYS C 241 -27.45 -6.35 28.06
CA CYS C 241 -27.01 -5.02 27.70
C CYS C 241 -28.12 -4.15 27.15
N SER C 242 -28.84 -4.67 26.17
CA SER C 242 -29.80 -3.90 25.39
C SER C 242 -31.20 -3.74 26.00
N TYR C 243 -31.56 -4.58 26.96
CA TYR C 243 -32.95 -4.67 27.41
C TYR C 243 -33.10 -4.46 28.93
N GLU C 244 -32.38 -5.23 29.73
CA GLU C 244 -32.46 -5.18 31.17
C GLU C 244 -31.75 -3.94 31.70
N ASP C 245 -32.16 -3.49 32.88
CA ASP C 245 -31.55 -2.34 33.55
C ASP C 245 -31.71 -2.52 35.06
N LYS C 246 -30.86 -1.83 35.81
CA LYS C 246 -30.97 -1.75 37.28
C LYS C 246 -32.39 -1.33 37.74
N GLU C 247 -32.98 -0.36 37.06
CA GLU C 247 -34.36 0.05 37.35
C GLU C 247 -35.32 -0.45 36.31
N LYS C 248 -36.48 -0.88 36.78
CA LYS C 248 -37.59 -1.23 35.91
C LYS C 248 -38.65 -0.14 36.05
N PRO C 249 -38.69 0.81 35.12
CA PRO C 249 -39.65 1.91 35.31
C PRO C 249 -41.09 1.48 35.12
N ASN C 250 -41.98 2.40 35.48
CA ASN C 250 -43.40 2.29 35.17
C ASN C 250 -43.57 2.47 33.67
N CYS C 251 -44.49 1.73 33.08
CA CYS C 251 -44.68 1.71 31.63
C CYS C 251 -45.06 3.05 31.02
N LEU C 252 -45.93 3.81 31.69
CA LEU C 252 -46.31 5.15 31.23
C LEU C 252 -45.17 6.17 31.35
N ASP C 253 -44.30 6.02 32.35
CA ASP C 253 -43.09 6.86 32.40
C ASP C 253 -42.15 6.55 31.24
N LEU C 254 -41.96 5.25 30.95
CA LEU C 254 -41.16 4.81 29.83
C LEU C 254 -41.70 5.31 28.52
N ARG C 255 -43.01 5.18 28.34
CA ARG C 255 -43.68 5.79 27.20
C ARG C 255 -43.36 7.26 27.07
N GLY C 256 -43.42 7.95 28.20
CA GLY C 256 -43.11 9.39 28.25
C GLY C 256 -41.72 9.65 27.72
N VAL C 257 -40.74 8.90 28.23
CA VAL C 257 -39.34 9.03 27.77
C VAL C 257 -39.23 8.70 26.28
N CYS C 258 -39.91 7.64 25.86
CA CYS C 258 -39.86 7.26 24.45
C CYS C 258 -40.43 8.36 23.55
N ARG C 259 -41.53 8.99 23.97
CA ARG C 259 -42.14 10.02 23.13
C ARG C 259 -41.33 11.33 23.02
N THR C 260 -40.37 11.56 23.93
CA THR C 260 -39.44 12.68 23.79
C THR C 260 -38.29 12.44 22.77
N ASP C 261 -38.12 11.21 22.31
CA ASP C 261 -37.11 10.90 21.29
C ASP C 261 -37.82 10.68 19.95
N HIS C 262 -37.43 11.41 18.91
CA HIS C 262 -38.13 11.39 17.62
C HIS C 262 -38.24 10.01 16.95
N LEU C 263 -37.18 9.23 17.07
CA LEU C 263 -37.11 7.88 16.49
C LEU C 263 -37.97 6.90 17.26
N CYS C 264 -37.73 6.80 18.56
CA CYS C 264 -38.51 5.91 19.43
C CYS C 264 -40.00 6.17 19.33
N ARG C 265 -40.38 7.44 19.40
CA ARG C 265 -41.77 7.87 19.28
C ARG C 265 -42.43 7.38 18.00
N SER C 266 -41.67 7.49 16.92
CA SER C 266 -42.15 7.11 15.62
C SER C 266 -42.26 5.60 15.47
N ARG C 267 -41.25 4.90 15.98
CA ARG C 267 -41.25 3.42 15.96
C ARG C 267 -42.36 2.86 16.81
N LEU C 268 -42.65 3.52 17.92
CA LEU C 268 -43.76 3.13 18.79
C LEU C 268 -45.09 3.32 18.07
N ALA C 269 -45.22 4.47 17.41
CA ALA C 269 -46.44 4.76 16.70
C ALA C 269 -46.62 3.80 15.52
N ASP C 270 -45.53 3.42 14.87
CA ASP C 270 -45.60 2.44 13.78
C ASP C 270 -46.00 1.02 14.27
N PHE C 271 -45.52 0.64 15.46
CA PHE C 271 -45.94 -0.60 16.14
C PHE C 271 -47.41 -0.56 16.52
N HIS C 272 -47.85 0.54 17.12
CA HIS C 272 -49.26 0.73 17.37
C HIS C 272 -50.13 0.63 16.13
N ALA C 273 -49.65 1.10 14.99
CA ALA C 273 -50.47 1.07 13.76
C ALA C 273 -50.54 -0.33 13.17
N ASN C 274 -49.44 -1.06 13.16
CA ASN C 274 -49.39 -2.34 12.47
C ASN C 274 -49.62 -3.57 13.32
N CYS C 275 -49.54 -3.44 14.65
CA CYS C 275 -49.79 -4.56 15.56
C CYS C 275 -51.02 -4.36 16.45
N ARG C 276 -51.77 -3.28 16.24
CA ARG C 276 -53.03 -3.07 16.96
C ARG C 276 -54.00 -4.18 16.66
N ALA C 277 -54.49 -4.85 17.70
CA ALA C 277 -55.37 -6.00 17.54
C ALA C 277 -56.73 -5.57 17.02
N SER C 278 -57.26 -6.35 16.10
CA SER C 278 -58.57 -6.16 15.55
C SER C 278 -59.46 -7.31 15.97
N TYR C 279 -60.68 -7.01 16.39
CA TYR C 279 -61.69 -8.04 16.65
C TYR C 279 -62.45 -8.50 15.39
N GLN C 280 -62.04 -8.01 14.19
CA GLN C 280 -62.75 -8.24 12.93
C GLN C 280 -62.08 -9.23 11.97
N THR C 281 -60.78 -9.43 12.06
CA THR C 281 -60.04 -10.23 11.08
C THR C 281 -59.73 -11.61 11.63
N VAL C 282 -59.48 -12.56 10.73
CA VAL C 282 -59.20 -13.92 11.16
C VAL C 282 -57.94 -13.99 12.02
N THR C 283 -56.93 -13.18 11.66
CA THR C 283 -55.63 -13.17 12.34
C THR C 283 -55.54 -12.24 13.53
N SER C 284 -56.54 -11.40 13.71
CA SER C 284 -56.52 -10.29 14.68
C SER C 284 -55.54 -9.17 14.29
N CYS C 285 -54.89 -9.26 13.15
CA CYS C 285 -54.02 -8.20 12.69
C CYS C 285 -54.73 -7.31 11.68
N PRO C 286 -54.35 -6.02 11.60
CA PRO C 286 -54.94 -5.14 10.58
C PRO C 286 -54.65 -5.68 9.18
N ALA C 287 -55.71 -5.92 8.43
CA ALA C 287 -55.62 -6.41 7.04
C ALA C 287 -54.95 -7.77 6.96
N ASP C 288 -54.99 -8.53 8.06
CA ASP C 288 -54.29 -9.81 8.17
C ASP C 288 -52.81 -9.72 7.75
N ASN C 289 -52.17 -8.61 8.02
CA ASN C 289 -50.82 -8.38 7.55
C ASN C 289 -49.80 -8.64 8.66
N TYR C 290 -49.37 -9.89 8.75
CA TYR C 290 -48.40 -10.31 9.73
C TYR C 290 -47.04 -9.61 9.59
N GLN C 291 -46.60 -9.48 8.33
CA GLN C 291 -45.26 -8.96 8.01
C GLN C 291 -45.09 -7.54 8.48
N ALA C 292 -46.07 -6.70 8.22
CA ALA C 292 -45.98 -5.33 8.64
C ALA C 292 -45.87 -5.26 10.16
N CYS C 293 -46.60 -6.11 10.88
CA CYS C 293 -46.52 -6.11 12.37
C CYS C 293 -45.15 -6.56 12.87
N LEU C 294 -44.64 -7.63 12.29
CA LEU C 294 -43.32 -8.12 12.67
C LEU C 294 -42.25 -7.11 12.42
N GLY C 295 -42.34 -6.42 11.28
CA GLY C 295 -41.38 -5.35 10.95
C GLY C 295 -41.43 -4.21 11.94
N SER C 296 -42.64 -3.79 12.30
CA SER C 296 -42.79 -2.70 13.27
C SER C 296 -42.34 -3.11 14.66
N TYR C 297 -42.56 -4.37 15.00
CA TYR C 297 -42.10 -4.90 16.29
C TYR C 297 -40.57 -4.87 16.31
N ALA C 298 -39.96 -5.47 15.29
CA ALA C 298 -38.50 -5.45 15.19
C ALA C 298 -37.90 -4.02 15.12
N GLY C 299 -38.68 -3.09 14.58
CA GLY C 299 -38.28 -1.70 14.46
C GLY C 299 -38.16 -0.98 15.77
N MET C 300 -38.67 -1.57 16.84
CA MET C 300 -38.48 -0.98 18.17
C MET C 300 -37.24 -1.46 18.90
N ILE C 301 -36.56 -2.46 18.36
CA ILE C 301 -35.34 -2.95 18.99
C ILE C 301 -34.24 -1.92 18.77
N GLY C 302 -33.58 -1.52 19.85
CA GLY C 302 -32.57 -0.46 19.77
C GLY C 302 -32.97 0.91 20.29
N PHE C 303 -34.13 1.02 20.95
CA PHE C 303 -34.61 2.28 21.50
C PHE C 303 -35.01 2.09 22.97
N ASP C 304 -35.51 3.14 23.60
CA ASP C 304 -35.95 3.08 25.00
C ASP C 304 -36.99 2.00 25.29
N MET C 305 -37.85 1.74 24.31
CA MET C 305 -38.95 0.80 24.45
C MET C 305 -38.62 -0.59 23.85
N THR C 306 -37.34 -0.93 23.76
CA THR C 306 -36.92 -2.19 23.19
C THR C 306 -37.67 -3.33 23.84
N PRO C 307 -38.39 -4.13 23.05
CA PRO C 307 -39.08 -5.28 23.59
C PRO C 307 -38.27 -6.58 23.50
N ASN C 308 -38.53 -7.52 24.39
CA ASN C 308 -37.94 -8.85 24.31
C ASN C 308 -38.80 -9.90 25.01
N TYR C 309 -38.49 -11.14 24.69
CA TYR C 309 -39.00 -12.30 25.40
C TYR C 309 -38.59 -12.11 26.87
N VAL C 310 -39.58 -12.12 27.76
CA VAL C 310 -39.37 -11.91 29.19
C VAL C 310 -38.68 -13.12 29.85
N ASP C 311 -38.80 -14.31 29.27
CA ASP C 311 -38.14 -15.51 29.81
C ASP C 311 -37.92 -16.58 28.73
N SER C 312 -37.44 -17.75 29.17
CA SER C 312 -37.08 -18.84 28.29
C SER C 312 -38.08 -19.98 28.28
N SER C 313 -39.35 -19.65 28.46
CA SER C 313 -40.44 -20.57 28.21
C SER C 313 -40.55 -20.94 26.72
N PRO C 314 -40.65 -22.24 26.39
CA PRO C 314 -40.69 -22.61 24.95
C PRO C 314 -41.87 -22.08 24.10
N THR C 315 -43.10 -22.43 24.51
CA THR C 315 -44.33 -22.05 23.79
C THR C 315 -45.15 -20.95 24.47
N GLY C 316 -45.01 -20.78 25.79
CA GLY C 316 -45.66 -19.69 26.50
C GLY C 316 -44.98 -18.34 26.32
N ILE C 317 -45.04 -17.83 25.08
CA ILE C 317 -44.31 -16.63 24.67
C ILE C 317 -44.98 -15.39 25.24
N VAL C 318 -44.18 -14.60 25.95
CA VAL C 318 -44.56 -13.28 26.39
C VAL C 318 -43.40 -12.33 26.04
N VAL C 319 -43.71 -11.28 25.30
CA VAL C 319 -42.75 -10.23 25.02
C VAL C 319 -43.25 -8.93 25.66
N SER C 320 -42.31 -8.07 26.02
CA SER C 320 -42.65 -6.84 26.68
C SER C 320 -41.47 -5.89 26.66
N PRO C 321 -41.75 -4.58 26.76
CA PRO C 321 -40.64 -3.67 27.06
C PRO C 321 -40.17 -3.86 28.50
N TRP C 322 -39.11 -3.16 28.89
CA TRP C 322 -38.55 -3.32 30.24
C TRP C 322 -39.27 -2.33 31.15
N CYS C 323 -40.43 -2.74 31.64
CA CYS C 323 -41.27 -1.89 32.46
C CYS C 323 -42.32 -2.71 33.15
N SER C 324 -42.98 -2.10 34.15
CA SER C 324 -44.13 -2.72 34.84
C SER C 324 -45.20 -1.67 35.16
N CYS C 325 -46.38 -2.13 35.59
CA CYS C 325 -47.48 -1.23 36.00
C CYS C 325 -47.50 -0.87 37.51
N ARG C 326 -46.39 -1.16 38.21
CA ARG C 326 -46.18 -0.74 39.59
C ARG C 326 -45.93 0.78 39.62
N GLY C 327 -46.64 1.46 40.52
CA GLY C 327 -46.52 2.91 40.70
C GLY C 327 -47.37 3.69 39.70
N SER C 328 -48.48 3.10 39.27
CA SER C 328 -49.35 3.74 38.28
C SER C 328 -50.31 4.73 38.91
N GLY C 329 -50.82 4.39 40.10
CA GLY C 329 -51.72 5.27 40.85
C GLY C 329 -53.09 5.34 40.21
N ASN C 330 -53.46 6.53 39.76
CA ASN C 330 -54.76 6.75 39.08
C ASN C 330 -54.82 6.19 37.65
N MET C 331 -53.66 5.98 37.03
CA MET C 331 -53.61 5.52 35.64
C MET C 331 -53.19 4.05 35.49
N GLU C 332 -53.50 3.24 36.49
CA GLU C 332 -53.28 1.80 36.40
C GLU C 332 -53.96 1.20 35.17
N GLU C 333 -55.17 1.65 34.90
CA GLU C 333 -55.96 1.11 33.79
C GLU C 333 -55.27 1.37 32.45
N GLU C 334 -54.82 2.61 32.26
CA GLU C 334 -54.14 3.06 31.07
C GLU C 334 -52.75 2.37 30.93
N CYS C 335 -52.02 2.25 32.03
CA CYS C 335 -50.75 1.55 32.05
C CYS C 335 -50.94 0.10 31.58
N GLU C 336 -51.89 -0.61 32.17
CA GLU C 336 -52.14 -2.00 31.82
C GLU C 336 -52.58 -2.17 30.38
N LYS C 337 -53.36 -1.22 29.87
CA LYS C 337 -53.82 -1.23 28.49
C LYS C 337 -52.62 -1.10 27.56
N PHE C 338 -51.71 -0.22 27.93
CA PHE C 338 -50.50 0.01 27.18
C PHE C 338 -49.66 -1.26 27.12
N LEU C 339 -49.48 -1.90 28.28
CA LEU C 339 -48.63 -3.05 28.36
C LEU C 339 -49.23 -4.21 27.60
N ARG C 340 -50.55 -4.29 27.57
CA ARG C 340 -51.23 -5.43 26.94
C ARG C 340 -51.03 -5.49 25.42
N ASP C 341 -50.77 -4.34 24.79
CA ASP C 341 -50.43 -4.30 23.38
C ASP C 341 -49.16 -5.06 23.06
N PHE C 342 -48.34 -5.32 24.07
CA PHE C 342 -47.18 -6.19 23.93
C PHE C 342 -47.42 -7.57 24.47
N THR C 343 -47.87 -7.63 25.72
CA THR C 343 -47.97 -8.91 26.43
C THR C 343 -49.13 -9.78 26.01
N GLU C 344 -50.29 -9.18 25.73
CA GLU C 344 -51.53 -9.92 25.50
C GLU C 344 -52.21 -9.55 24.20
N ASN C 345 -51.41 -9.45 23.15
CA ASN C 345 -51.89 -8.98 21.87
C ASN C 345 -52.07 -10.17 20.92
N PRO C 346 -53.32 -10.51 20.57
CA PRO C 346 -53.52 -11.61 19.65
C PRO C 346 -52.91 -11.40 18.26
N CYS C 347 -52.82 -10.16 17.80
CA CYS C 347 -52.14 -9.90 16.52
C CYS C 347 -50.64 -10.27 16.59
N LEU C 348 -49.92 -9.68 17.53
CA LEU C 348 -48.52 -9.96 17.71
C LEU C 348 -48.26 -11.45 18.01
N ARG C 349 -49.04 -12.01 18.94
CA ARG C 349 -48.96 -13.44 19.23
C ARG C 349 -49.07 -14.30 17.99
N ASN C 350 -50.11 -14.06 17.21
CA ASN C 350 -50.36 -14.84 16.02
C ASN C 350 -49.31 -14.65 14.94
N ALA C 351 -48.82 -13.43 14.79
CA ALA C 351 -47.79 -13.15 13.80
C ALA C 351 -46.49 -13.88 14.15
N ILE C 352 -46.06 -13.80 15.42
CA ILE C 352 -44.87 -14.49 15.88
C ILE C 352 -44.97 -16.01 15.69
N GLN C 353 -46.10 -16.57 16.09
CA GLN C 353 -46.34 -18.00 15.96
C GLN C 353 -46.42 -18.48 14.51
N ALA C 354 -47.05 -17.70 13.64
CA ALA C 354 -47.12 -18.05 12.21
C ALA C 354 -45.78 -17.99 11.56
N PHE C 355 -44.93 -17.07 11.99
CA PHE C 355 -43.60 -17.01 11.39
C PHE C 355 -42.82 -18.29 11.68
N GLY C 356 -42.78 -18.68 12.96
CA GLY C 356 -42.02 -19.85 13.39
C GLY C 356 -42.50 -21.16 12.81
N ASN C 357 -43.80 -21.26 12.57
CA ASN C 357 -44.42 -22.48 12.04
C ASN C 357 -44.22 -22.68 10.54
N GLY C 358 -43.92 -21.62 9.80
CA GLY C 358 -43.83 -21.70 8.33
C GLY C 358 -45.17 -21.51 7.63
N THR C 359 -45.81 -20.36 7.90
CA THR C 359 -47.08 -19.96 7.28
C THR C 359 -46.82 -18.86 6.25
N PRO D 37 34.97 30.10 -4.22
CA PRO D 37 34.39 31.07 -5.14
C PRO D 37 33.08 30.61 -5.81
N VAL D 38 32.40 31.55 -6.44
CA VAL D 38 31.05 31.34 -7.01
C VAL D 38 31.09 30.58 -8.36
N ASP D 39 30.29 29.51 -8.46
CA ASP D 39 30.15 28.73 -9.71
C ASP D 39 29.31 29.47 -10.77
N CYS D 40 29.27 28.94 -12.00
CA CYS D 40 28.59 29.61 -13.12
C CYS D 40 27.07 29.67 -13.03
N VAL D 41 26.44 28.66 -12.42
CA VAL D 41 24.99 28.65 -12.20
C VAL D 41 24.56 29.76 -11.23
N ARG D 42 25.34 29.96 -10.16
CA ARG D 42 25.12 31.03 -9.19
C ARG D 42 25.49 32.40 -9.74
N ALA D 43 26.58 32.46 -10.51
CA ALA D 43 27.04 33.68 -11.16
C ALA D 43 25.99 34.20 -12.15
N ASN D 44 25.31 33.28 -12.82
CA ASN D 44 24.23 33.58 -13.76
C ASN D 44 22.93 34.05 -13.06
N GLU D 45 22.65 33.53 -11.87
CA GLU D 45 21.51 33.99 -11.06
C GLU D 45 21.70 35.45 -10.64
N LEU D 46 22.91 35.75 -10.16
CA LEU D 46 23.33 37.12 -9.81
C LEU D 46 23.33 38.10 -10.98
N CYS D 47 23.65 37.59 -12.17
CA CYS D 47 23.57 38.36 -13.41
C CYS D 47 22.13 38.58 -13.87
N ALA D 48 21.31 37.52 -13.80
CA ALA D 48 19.90 37.57 -14.24
C ALA D 48 19.06 38.54 -13.41
N ALA D 49 19.46 38.75 -12.15
CA ALA D 49 18.81 39.69 -11.24
C ALA D 49 19.17 41.17 -11.51
N GLU D 50 20.43 41.44 -11.89
CA GLU D 50 20.89 42.83 -12.15
C GLU D 50 20.57 43.36 -13.55
N SER D 51 20.22 44.64 -13.63
CA SER D 51 19.66 45.28 -14.83
C SER D 51 20.56 45.21 -16.07
N ASN D 52 21.79 45.70 -15.94
CA ASN D 52 22.73 45.77 -17.07
C ASN D 52 23.21 44.38 -17.52
N CYS D 53 23.56 43.52 -16.56
CA CYS D 53 24.09 42.19 -16.88
C CYS D 53 23.08 41.32 -17.62
N SER D 54 21.91 41.10 -17.00
CA SER D 54 20.82 40.30 -17.59
C SER D 54 20.47 40.73 -19.02
N SER D 55 20.49 42.06 -19.25
CA SER D 55 20.28 42.64 -20.59
C SER D 55 21.38 42.23 -21.58
N ARG D 56 22.64 42.31 -21.14
CA ARG D 56 23.78 41.91 -21.96
C ARG D 56 23.76 40.40 -22.24
N TYR D 57 23.39 39.61 -21.22
CA TYR D 57 23.33 38.14 -21.36
C TYR D 57 22.16 37.67 -22.24
N ARG D 58 21.01 38.34 -22.15
CA ARG D 58 19.90 38.09 -23.07
C ARG D 58 20.28 38.44 -24.52
N THR D 59 21.10 39.48 -24.69
CA THR D 59 21.61 39.88 -26.01
C THR D 59 22.54 38.82 -26.58
N LEU D 60 23.48 38.37 -25.75
CA LEU D 60 24.45 37.34 -26.13
C LEU D 60 23.76 36.01 -26.46
N ARG D 61 22.80 35.60 -25.63
CA ARG D 61 22.02 34.39 -25.88
C ARG D 61 21.23 34.42 -27.20
N GLN D 62 20.66 35.57 -27.55
CA GLN D 62 19.97 35.75 -28.83
C GLN D 62 20.92 35.79 -30.04
N CYS D 63 22.13 36.32 -29.82
CA CYS D 63 23.19 36.32 -30.86
C CYS D 63 23.73 34.92 -31.18
N LEU D 64 23.76 34.05 -30.16
CA LEU D 64 24.27 32.68 -30.25
C LEU D 64 23.11 31.69 -30.43
N ALA D 65 22.93 31.07 -31.61
CA ALA D 65 23.72 31.32 -32.82
C ALA D 65 22.87 31.10 -34.07
N GLY D 66 21.81 31.89 -34.27
CA GLY D 66 21.40 32.99 -33.38
C GLY D 66 20.31 33.85 -34.00
N LYS D 76 28.35 43.95 -33.48
CA LYS D 76 28.51 45.23 -32.79
C LYS D 76 27.67 45.38 -31.50
N GLU D 77 26.39 45.07 -31.58
CA GLU D 77 25.57 45.01 -30.37
C GLU D 77 25.88 43.71 -29.61
N CYS D 78 26.31 42.68 -30.36
CA CYS D 78 26.75 41.40 -29.78
C CYS D 78 28.17 41.49 -29.20
N GLN D 79 29.10 42.08 -29.96
CA GLN D 79 30.47 42.29 -29.48
C GLN D 79 30.50 43.09 -28.17
N ALA D 80 29.63 44.10 -28.05
CA ALA D 80 29.49 44.92 -26.84
C ALA D 80 28.98 44.11 -25.65
N ALA D 81 28.02 43.22 -25.91
CA ALA D 81 27.45 42.35 -24.88
C ALA D 81 28.48 41.33 -24.36
N LEU D 82 29.23 40.75 -25.29
CA LEU D 82 30.30 39.81 -24.97
C LEU D 82 31.40 40.48 -24.13
N GLU D 83 31.86 41.65 -24.56
CA GLU D 83 32.88 42.41 -23.83
C GLU D 83 32.49 42.71 -22.39
N VAL D 84 31.27 43.18 -22.19
CA VAL D 84 30.80 43.54 -20.82
C VAL D 84 30.81 42.30 -19.94
N LEU D 85 30.33 41.19 -20.50
CA LEU D 85 30.25 39.93 -19.75
C LEU D 85 31.63 39.34 -19.50
N GLN D 86 32.54 39.49 -20.48
CA GLN D 86 33.95 39.06 -20.32
C GLN D 86 34.75 39.95 -19.35
N GLU D 87 34.18 41.09 -18.96
CA GLU D 87 34.72 41.97 -17.94
C GLU D 87 33.92 41.93 -16.63
N SER D 88 32.84 41.15 -16.59
CA SER D 88 32.06 40.92 -15.38
C SER D 88 32.70 39.73 -14.64
N PRO D 89 32.24 39.44 -13.40
CA PRO D 89 32.76 38.24 -12.71
C PRO D 89 32.26 36.87 -13.26
N LEU D 90 31.23 36.88 -14.11
CA LEU D 90 30.82 35.69 -14.89
C LEU D 90 31.98 35.02 -15.64
N TYR D 91 32.91 35.83 -16.15
CA TYR D 91 34.08 35.31 -16.84
C TYR D 91 35.05 34.49 -15.97
N ASP D 92 35.05 34.75 -14.66
CA ASP D 92 35.87 34.00 -13.72
C ASP D 92 35.17 32.76 -13.11
N CYS D 93 33.86 32.59 -13.35
CA CYS D 93 33.13 31.43 -12.82
C CYS D 93 33.65 30.13 -13.45
N ARG D 94 33.54 29.06 -12.67
CA ARG D 94 34.04 27.73 -13.04
C ARG D 94 33.05 26.72 -12.49
N CYS D 95 33.25 25.46 -12.87
CA CYS D 95 32.34 24.37 -12.50
C CYS D 95 33.06 23.27 -11.69
N LYS D 96 32.27 22.35 -11.15
CA LYS D 96 32.78 21.22 -10.36
C LYS D 96 32.17 19.91 -10.82
N ARG D 97 32.99 18.87 -10.86
CA ARG D 97 32.51 17.51 -11.17
C ARG D 97 31.53 17.03 -10.11
N GLY D 98 30.49 16.33 -10.55
CA GLY D 98 29.40 15.90 -9.67
C GLY D 98 28.60 17.00 -8.96
N MET D 99 28.62 18.22 -9.49
CA MET D 99 27.80 19.30 -8.96
C MET D 99 26.35 19.10 -9.41
N LYS D 100 25.43 19.78 -8.73
CA LYS D 100 24.03 19.86 -9.18
C LYS D 100 23.99 20.82 -10.37
N LYS D 101 23.31 20.42 -11.44
CA LYS D 101 23.16 21.22 -12.69
C LYS D 101 24.51 21.52 -13.37
N GLU D 102 25.30 20.44 -13.55
CA GLU D 102 26.63 20.53 -14.15
C GLU D 102 26.57 21.04 -15.59
N LEU D 103 25.65 20.46 -16.39
CA LEU D 103 25.47 20.84 -17.80
C LEU D 103 25.09 22.31 -17.98
N GLN D 104 24.25 22.82 -17.10
CA GLN D 104 23.81 24.21 -17.15
C GLN D 104 25.04 25.09 -16.91
N CYS D 105 25.76 24.77 -15.84
CA CYS D 105 27.05 25.42 -15.50
C CYS D 105 28.00 25.51 -16.71
N LEU D 106 28.16 24.39 -17.41
CA LEU D 106 29.08 24.32 -18.56
C LEU D 106 28.56 25.09 -19.77
N GLN D 107 27.23 25.08 -19.98
CA GLN D 107 26.59 25.88 -21.04
C GLN D 107 26.82 27.38 -20.82
N ILE D 108 26.73 27.81 -19.57
CA ILE D 108 27.03 29.17 -19.19
C ILE D 108 28.51 29.49 -19.45
N TYR D 109 29.42 28.71 -18.86
CA TYR D 109 30.87 28.90 -19.08
C TYR D 109 31.25 29.04 -20.57
N TRP D 110 30.77 28.11 -21.41
CA TRP D 110 31.17 28.10 -22.83
C TRP D 110 30.44 29.14 -23.68
N SER D 111 29.31 29.66 -23.17
CA SER D 111 28.64 30.78 -23.84
C SER D 111 29.47 32.10 -23.82
N ILE D 112 30.30 32.29 -22.78
CA ILE D 112 31.17 33.49 -22.66
C ILE D 112 32.66 33.23 -22.95
N HIS D 113 33.10 31.97 -22.97
CA HIS D 113 34.50 31.64 -23.29
C HIS D 113 34.54 31.17 -24.73
N LEU D 114 34.48 32.15 -25.61
CA LEU D 114 34.45 31.95 -27.07
C LEU D 114 35.88 32.00 -27.60
N GLU D 118 42.89 33.02 -32.11
CA GLU D 118 41.91 33.25 -31.05
C GLU D 118 40.93 32.08 -30.84
N GLY D 119 40.41 31.53 -31.93
CA GLY D 119 39.50 30.36 -31.89
C GLY D 119 40.14 29.06 -32.33
N GLU D 120 39.56 27.94 -31.88
CA GLU D 120 40.05 26.56 -32.19
C GLU D 120 41.48 26.28 -31.67
N GLU D 121 41.62 26.27 -30.35
CA GLU D 121 42.89 25.92 -29.70
C GLU D 121 43.09 24.41 -29.71
N PHE D 122 44.34 23.96 -29.81
CA PHE D 122 44.63 22.54 -29.67
C PHE D 122 44.29 22.02 -28.25
N TYR D 123 44.68 22.80 -27.25
CA TYR D 123 44.34 22.60 -25.84
C TYR D 123 43.48 23.75 -25.36
N GLU D 124 42.22 23.50 -25.05
CA GLU D 124 41.32 24.50 -24.46
C GLU D 124 41.47 24.46 -22.96
N ALA D 125 41.26 25.60 -22.31
CA ALA D 125 41.32 25.70 -20.86
C ALA D 125 40.18 24.91 -20.28
N SER D 126 40.43 24.30 -19.12
CA SER D 126 39.40 23.54 -18.44
C SER D 126 38.42 24.47 -17.75
N PRO D 127 37.11 24.26 -17.94
CA PRO D 127 36.10 24.96 -17.13
C PRO D 127 36.00 24.51 -15.68
N TYR D 128 36.70 23.45 -15.30
CA TYR D 128 36.53 22.85 -13.99
C TYR D 128 37.52 23.48 -13.02
N GLU D 129 37.06 23.67 -11.78
CA GLU D 129 37.89 24.20 -10.70
C GLU D 129 38.96 23.18 -10.35
N PRO D 130 40.24 23.60 -10.30
CA PRO D 130 41.22 22.64 -9.79
C PRO D 130 40.93 22.23 -8.31
N VAL D 131 41.56 21.16 -7.87
CA VAL D 131 41.34 20.56 -6.54
C VAL D 131 42.49 20.92 -5.58
N SER D 158 42.07 -14.12 -7.20
CA SER D 158 43.49 -14.31 -7.50
C SER D 158 44.08 -12.97 -8.00
N ASN D 159 43.73 -12.58 -9.22
CA ASN D 159 44.23 -11.35 -9.78
C ASN D 159 43.58 -10.12 -9.12
N HIS D 160 44.24 -8.97 -9.28
CA HIS D 160 43.82 -7.73 -8.63
C HIS D 160 42.50 -7.17 -9.18
N CYS D 161 42.20 -7.47 -10.43
CA CYS D 161 40.96 -7.03 -11.05
C CYS D 161 39.75 -7.81 -10.52
N LEU D 162 39.96 -9.09 -10.24
CA LEU D 162 38.94 -9.91 -9.62
C LEU D 162 38.68 -9.44 -8.19
N ASP D 163 39.77 -9.18 -7.46
CA ASP D 163 39.71 -8.56 -6.13
C ASP D 163 38.89 -7.28 -6.10
N ALA D 164 39.05 -6.43 -7.10
CA ALA D 164 38.33 -5.16 -7.18
C ALA D 164 36.82 -5.37 -7.44
N ALA D 165 36.50 -6.32 -8.31
CA ALA D 165 35.12 -6.72 -8.55
C ALA D 165 34.45 -7.27 -7.28
N LYS D 166 35.18 -8.03 -6.48
CA LYS D 166 34.66 -8.54 -5.21
C LYS D 166 34.37 -7.38 -4.25
N ALA D 167 35.31 -6.48 -4.06
CA ALA D 167 35.06 -5.37 -3.15
C ALA D 167 33.82 -4.62 -3.57
N CYS D 168 33.68 -4.41 -4.88
CA CYS D 168 32.56 -3.66 -5.42
C CYS D 168 31.22 -4.42 -5.23
N ASN D 169 31.18 -5.72 -5.52
CA ASN D 169 29.98 -6.52 -5.28
C ASN D 169 29.58 -6.70 -3.79
N LEU D 170 30.53 -6.52 -2.87
CA LEU D 170 30.26 -6.58 -1.41
C LEU D 170 29.89 -5.23 -0.80
N ASN D 171 29.95 -4.17 -1.59
CA ASN D 171 29.45 -2.85 -1.24
C ASN D 171 28.12 -2.58 -1.95
N ASP D 172 27.06 -2.31 -1.19
CA ASP D 172 25.72 -2.20 -1.76
C ASP D 172 25.62 -1.17 -2.89
N ASN D 173 26.16 0.02 -2.67
CA ASN D 173 26.06 1.10 -3.65
C ASN D 173 26.85 0.80 -4.96
N CYS D 174 28.01 0.17 -4.84
CA CYS D 174 28.89 -0.13 -5.97
C CYS D 174 28.25 -1.24 -6.76
N LYS D 175 27.80 -2.28 -6.04
CA LYS D 175 27.12 -3.42 -6.64
C LYS D 175 25.92 -2.99 -7.48
N LYS D 176 25.12 -2.09 -6.93
CA LYS D 176 23.92 -1.62 -7.60
C LYS D 176 24.28 -0.88 -8.88
N LEU D 177 25.16 0.12 -8.75
CA LEU D 177 25.50 1.01 -9.86
C LEU D 177 26.36 0.28 -10.93
N ARG D 178 27.15 -0.71 -10.50
CA ARG D 178 27.84 -1.58 -11.42
C ARG D 178 26.89 -2.42 -12.25
N SER D 179 25.99 -3.11 -11.56
CA SER D 179 25.04 -3.98 -12.23
C SER D 179 24.17 -3.19 -13.19
N SER D 180 23.81 -1.99 -12.76
CA SER D 180 22.99 -1.13 -13.54
C SER D 180 23.62 -0.81 -14.93
N TYR D 181 24.92 -0.45 -14.99
CA TYR D 181 25.60 -0.24 -16.30
C TYR D 181 25.83 -1.51 -17.05
N ILE D 182 26.19 -2.58 -16.34
CA ILE D 182 26.41 -3.85 -17.01
C ILE D 182 25.14 -4.30 -17.72
N SER D 183 24.01 -4.24 -17.02
CA SER D 183 22.77 -4.78 -17.59
C SER D 183 22.27 -3.91 -18.75
N ILE D 184 22.37 -2.60 -18.62
CA ILE D 184 22.07 -1.70 -19.74
C ILE D 184 23.02 -1.87 -20.92
N CYS D 185 24.31 -1.93 -20.65
CA CYS D 185 25.33 -1.98 -21.71
C CYS D 185 25.36 -3.32 -22.42
N ASN D 186 24.94 -4.37 -21.73
CA ASN D 186 24.93 -5.74 -22.28
C ASN D 186 23.64 -6.16 -23.03
N ARG D 187 22.59 -5.34 -22.94
CA ARG D 187 21.28 -5.68 -23.50
C ARG D 187 21.23 -5.35 -24.99
N GLU D 188 21.23 -6.38 -25.82
CA GLU D 188 21.05 -6.21 -27.26
C GLU D 188 19.69 -5.61 -27.59
N ILE D 189 19.67 -4.68 -28.53
CA ILE D 189 18.43 -4.08 -29.01
C ILE D 189 17.92 -4.86 -30.24
N SER D 190 18.82 -5.19 -31.15
CA SER D 190 18.47 -5.91 -32.39
C SER D 190 19.77 -6.47 -32.99
N PRO D 191 19.69 -7.22 -34.11
CA PRO D 191 20.96 -7.71 -34.69
C PRO D 191 21.91 -6.62 -35.22
N THR D 192 21.37 -5.44 -35.50
CA THR D 192 22.16 -4.27 -35.93
C THR D 192 22.51 -3.30 -34.78
N GLU D 193 21.80 -3.38 -33.65
CA GLU D 193 22.10 -2.56 -32.48
C GLU D 193 22.51 -3.40 -31.24
N ARG D 194 23.82 -3.41 -30.98
CA ARG D 194 24.45 -4.12 -29.87
C ARG D 194 23.88 -3.68 -28.53
N CYS D 195 23.58 -2.40 -28.41
CA CYS D 195 23.07 -1.88 -27.17
C CYS D 195 22.53 -0.50 -27.40
N ASN D 196 21.83 0.01 -26.41
CA ASN D 196 21.53 1.43 -26.35
C ASN D 196 22.77 2.19 -25.81
N ARG D 197 23.60 2.68 -26.72
CA ARG D 197 24.87 3.35 -26.39
C ARG D 197 24.66 4.60 -25.50
N ARG D 198 23.67 5.41 -25.85
CA ARG D 198 23.32 6.57 -25.09
C ARG D 198 23.04 6.21 -23.62
N LYS D 199 22.14 5.26 -23.42
CA LYS D 199 21.76 4.79 -22.07
C LYS D 199 22.97 4.16 -21.34
N CYS D 200 23.74 3.33 -22.05
CA CYS D 200 25.00 2.74 -21.54
C CYS D 200 25.98 3.79 -21.05
N HIS D 201 26.29 4.75 -21.90
CA HIS D 201 27.13 5.85 -21.49
C HIS D 201 26.63 6.56 -20.23
N LYS D 202 25.34 6.81 -20.17
CA LYS D 202 24.76 7.53 -19.05
C LYS D 202 24.94 6.73 -17.75
N ALA D 203 24.74 5.43 -17.80
CA ALA D 203 24.91 4.59 -16.65
C ALA D 203 26.38 4.49 -16.23
N LEU D 204 27.30 4.51 -17.20
CA LEU D 204 28.74 4.55 -16.91
C LEU D 204 29.13 5.82 -16.18
N ARG D 205 28.59 6.95 -16.61
CA ARG D 205 28.82 8.20 -15.88
C ARG D 205 28.33 8.17 -14.47
N GLN D 206 27.16 7.57 -14.28
CA GLN D 206 26.57 7.45 -12.95
C GLN D 206 27.49 6.66 -12.04
N PHE D 207 28.01 5.54 -12.57
CA PHE D 207 28.98 4.73 -11.84
C PHE D 207 30.21 5.54 -11.43
N PHE D 208 30.85 6.20 -12.39
CA PHE D 208 32.08 6.93 -12.05
C PHE D 208 31.80 8.16 -11.16
N ASP D 209 30.62 8.78 -11.28
CA ASP D 209 30.22 9.95 -10.45
C ASP D 209 29.65 9.65 -9.04
N ARG D 210 29.01 8.50 -8.85
CA ARG D 210 28.30 8.21 -7.61
C ARG D 210 28.88 7.04 -6.79
N VAL D 211 29.94 6.41 -7.30
CA VAL D 211 30.68 5.39 -6.57
C VAL D 211 32.04 6.00 -6.23
N PRO D 212 32.50 5.84 -4.98
CA PRO D 212 33.82 6.39 -4.67
C PRO D 212 34.96 5.81 -5.52
N SER D 213 35.94 6.64 -5.80
CA SER D 213 37.12 6.24 -6.55
C SER D 213 37.87 5.09 -5.92
N GLU D 214 37.77 4.93 -4.61
CA GLU D 214 38.39 3.75 -3.96
C GLU D 214 37.90 2.43 -4.58
N TYR D 215 36.64 2.38 -5.04
CA TYR D 215 36.11 1.24 -5.74
C TYR D 215 36.39 1.28 -7.25
N THR D 216 36.07 2.40 -7.90
CA THR D 216 36.02 2.46 -9.34
C THR D 216 37.40 2.43 -9.98
N TYR D 217 38.36 3.17 -9.40
CA TYR D 217 39.72 3.20 -9.93
C TYR D 217 40.44 1.87 -9.75
N ARG D 218 40.07 1.16 -8.69
CA ARG D 218 40.69 -0.12 -8.40
C ARG D 218 40.24 -1.14 -9.47
N MET D 219 39.05 -0.95 -10.00
CA MET D 219 38.57 -1.76 -11.12
C MET D 219 39.20 -1.32 -12.44
N LEU D 220 39.28 -0.02 -12.68
CA LEU D 220 39.70 0.53 -13.94
C LEU D 220 41.23 0.50 -14.15
N PHE D 221 41.99 0.68 -13.08
CA PHE D 221 43.44 0.81 -13.14
C PHE D 221 44.17 -0.31 -12.41
N CYS D 222 43.50 -1.43 -12.13
CA CYS D 222 44.16 -2.58 -11.48
C CYS D 222 45.37 -3.04 -12.29
N SER D 223 46.38 -3.57 -11.62
CA SER D 223 47.56 -4.13 -12.34
C SER D 223 47.37 -5.62 -12.63
N CYS D 224 47.95 -6.07 -13.73
CA CYS D 224 47.82 -7.45 -14.19
C CYS D 224 49.14 -8.08 -14.56
N GLN D 225 49.21 -9.40 -14.37
CA GLN D 225 50.35 -10.21 -14.79
C GLN D 225 50.05 -11.23 -15.87
N ASP D 226 48.76 -11.51 -16.10
CA ASP D 226 48.31 -12.45 -17.13
C ASP D 226 47.13 -11.89 -17.93
N GLN D 227 46.82 -12.59 -19.01
CA GLN D 227 45.83 -12.14 -19.98
C GLN D 227 44.38 -12.17 -19.44
N ALA D 228 44.06 -13.11 -18.56
CA ALA D 228 42.73 -13.15 -17.96
C ALA D 228 42.41 -11.90 -17.10
N CYS D 229 43.42 -11.44 -16.38
CA CYS D 229 43.31 -10.23 -15.59
C CYS D 229 43.17 -9.02 -16.53
N ALA D 230 44.04 -8.93 -17.52
CA ALA D 230 44.00 -7.83 -18.46
C ALA D 230 42.72 -7.76 -19.28
N GLU D 231 42.19 -8.91 -19.69
CA GLU D 231 40.89 -8.97 -20.34
C GLU D 231 39.71 -8.50 -19.46
N ARG D 232 39.75 -8.83 -18.18
CA ARG D 232 38.75 -8.36 -17.25
C ARG D 232 38.85 -6.85 -17.12
N ARG D 233 40.07 -6.33 -17.01
CA ARG D 233 40.28 -4.88 -16.91
C ARG D 233 39.77 -4.16 -18.17
N ARG D 234 40.08 -4.73 -19.32
CA ARG D 234 39.62 -4.20 -20.61
C ARG D 234 38.09 -4.14 -20.69
N GLN D 235 37.44 -5.14 -20.06
CA GLN D 235 35.98 -5.26 -20.07
C GLN D 235 35.23 -4.40 -19.08
N THR D 236 35.91 -3.74 -18.17
CA THR D 236 35.25 -2.93 -17.14
C THR D 236 34.13 -2.05 -17.71
N ILE D 237 34.42 -1.33 -18.80
CA ILE D 237 33.44 -0.39 -19.38
C ILE D 237 32.51 -1.05 -20.38
N LEU D 238 32.63 -2.37 -20.52
CA LEU D 238 31.88 -3.14 -21.49
C LEU D 238 32.07 -2.49 -22.89
N PRO D 239 33.33 -2.45 -23.38
CA PRO D 239 33.72 -1.73 -24.60
C PRO D 239 32.97 -2.12 -25.87
N SER D 240 32.52 -3.35 -25.94
CA SER D 240 31.73 -3.82 -27.06
C SER D 240 30.54 -2.90 -27.33
N CYS D 241 30.02 -2.29 -26.28
CA CYS D 241 28.90 -1.36 -26.35
C CYS D 241 29.34 0.09 -26.29
N SER D 242 30.22 0.40 -25.35
CA SER D 242 30.52 1.80 -25.01
C SER D 242 31.68 2.42 -25.78
N TYR D 243 32.51 1.59 -26.38
CA TYR D 243 33.78 2.04 -26.95
C TYR D 243 33.89 1.71 -28.44
N GLU D 244 33.77 0.43 -28.78
CA GLU D 244 33.88 -0.06 -30.15
C GLU D 244 32.72 0.37 -31.00
N ASP D 245 32.95 0.49 -32.30
CA ASP D 245 31.90 0.91 -33.24
C ASP D 245 32.26 0.40 -34.61
N LYS D 246 31.26 0.28 -35.48
CA LYS D 246 31.43 -0.21 -36.87
C LYS D 246 32.49 0.59 -37.60
N GLU D 247 32.43 1.92 -37.42
CA GLU D 247 33.40 2.85 -37.99
C GLU D 247 34.38 3.36 -36.92
N LYS D 248 35.66 3.38 -37.30
CA LYS D 248 36.70 4.04 -36.53
C LYS D 248 37.03 5.40 -37.16
N PRO D 249 36.55 6.51 -36.56
CA PRO D 249 36.80 7.80 -37.21
C PRO D 249 38.24 8.26 -37.11
N ASN D 250 38.53 9.37 -37.78
CA ASN D 250 39.82 10.03 -37.66
C ASN D 250 39.77 10.84 -36.37
N CYS D 251 40.87 10.83 -35.63
CA CYS D 251 40.88 11.47 -34.28
C CYS D 251 40.46 12.93 -34.25
N LEU D 252 40.86 13.72 -35.25
CA LEU D 252 40.43 15.12 -35.33
C LEU D 252 38.95 15.30 -35.62
N ASP D 253 38.38 14.41 -36.41
CA ASP D 253 36.94 14.42 -36.63
C ASP D 253 36.22 14.12 -35.33
N LEU D 254 36.69 13.08 -34.63
CA LEU D 254 36.13 12.72 -33.33
C LEU D 254 36.24 13.87 -32.32
N ARG D 255 37.39 14.54 -32.32
CA ARG D 255 37.57 15.73 -31.50
C ARG D 255 36.54 16.79 -31.83
N GLY D 256 36.33 17.00 -33.14
CA GLY D 256 35.34 17.96 -33.62
C GLY D 256 33.96 17.68 -33.04
N VAL D 257 33.54 16.43 -33.13
CA VAL D 257 32.24 16.02 -32.61
C VAL D 257 32.19 16.21 -31.10
N CYS D 258 33.25 15.79 -30.42
CA CYS D 258 33.34 15.93 -28.96
C CYS D 258 33.18 17.40 -28.55
N ARG D 259 33.85 18.30 -29.25
CA ARG D 259 33.79 19.74 -28.90
C ARG D 259 32.42 20.43 -29.15
N THR D 260 31.52 19.80 -29.91
CA THR D 260 30.13 20.31 -30.06
C THR D 260 29.25 19.98 -28.85
N ASP D 261 29.64 19.00 -28.05
CA ASP D 261 28.91 18.67 -26.82
C ASP D 261 29.55 19.36 -25.62
N HIS D 262 28.75 20.00 -24.78
CA HIS D 262 29.28 20.80 -23.67
C HIS D 262 30.06 19.97 -22.66
N LEU D 263 29.55 18.79 -22.37
CA LEU D 263 30.15 17.92 -21.36
C LEU D 263 31.45 17.33 -21.88
N CYS D 264 31.38 16.69 -23.03
CA CYS D 264 32.54 16.05 -23.64
C CYS D 264 33.69 17.04 -23.80
N ARG D 265 33.38 18.18 -24.37
CA ARG D 265 34.34 19.26 -24.58
C ARG D 265 35.09 19.65 -23.31
N SER D 266 34.32 19.84 -22.24
CA SER D 266 34.83 20.15 -20.92
C SER D 266 35.69 19.02 -20.33
N ARG D 267 35.22 17.78 -20.44
CA ARG D 267 35.98 16.61 -19.94
C ARG D 267 37.30 16.42 -20.70
N LEU D 268 37.30 16.69 -22.00
CA LEU D 268 38.51 16.65 -22.78
C LEU D 268 39.47 17.74 -22.36
N ALA D 269 38.96 18.94 -22.14
CA ALA D 269 39.83 20.04 -21.70
C ALA D 269 40.43 19.76 -20.30
N ASP D 270 39.62 19.17 -19.43
CA ASP D 270 40.08 18.76 -18.10
C ASP D 270 41.16 17.64 -18.16
N PHE D 271 40.99 16.66 -19.03
CA PHE D 271 42.04 15.67 -19.32
C PHE D 271 43.33 16.32 -19.83
N HIS D 272 43.20 17.27 -20.75
CA HIS D 272 44.37 17.97 -21.29
C HIS D 272 45.10 18.75 -20.19
N ALA D 273 44.35 19.41 -19.32
CA ALA D 273 44.95 20.21 -18.26
C ALA D 273 45.67 19.32 -17.21
N ASN D 274 45.11 18.17 -16.87
CA ASN D 274 45.71 17.34 -15.84
C ASN D 274 46.63 16.22 -16.26
N CYS D 275 46.53 15.76 -17.50
CA CYS D 275 47.32 14.60 -17.95
C CYS D 275 48.41 14.92 -18.98
N ARG D 276 48.43 16.13 -19.51
CA ARG D 276 49.42 16.56 -20.49
C ARG D 276 50.83 16.41 -19.93
N ALA D 277 51.68 15.67 -20.61
CA ALA D 277 53.01 15.36 -20.08
C ALA D 277 53.92 16.59 -19.98
N SER D 278 54.74 16.63 -18.92
CA SER D 278 55.69 17.66 -18.65
C SER D 278 57.08 17.04 -18.65
N TYR D 279 58.05 17.78 -19.16
CA TYR D 279 59.45 17.37 -19.15
C TYR D 279 60.19 17.88 -17.91
N GLN D 280 59.45 18.56 -17.02
CA GLN D 280 59.98 19.23 -15.84
C GLN D 280 59.76 18.50 -14.50
N THR D 281 58.93 17.47 -14.45
CA THR D 281 58.57 16.81 -13.18
C THR D 281 59.04 15.37 -13.12
N VAL D 282 59.23 14.84 -11.92
CA VAL D 282 59.75 13.48 -11.80
C VAL D 282 58.80 12.42 -12.36
N THR D 283 57.49 12.67 -12.25
CA THR D 283 56.46 11.75 -12.77
C THR D 283 56.05 12.01 -14.21
N SER D 284 56.52 13.13 -14.77
CA SER D 284 56.06 13.71 -16.04
C SER D 284 54.61 14.21 -16.00
N CYS D 285 53.95 14.15 -14.85
CA CYS D 285 52.62 14.73 -14.70
C CYS D 285 52.71 16.17 -14.19
N PRO D 286 51.74 17.02 -14.55
CA PRO D 286 51.74 18.39 -14.03
C PRO D 286 51.60 18.34 -12.54
N ALA D 287 52.50 19.05 -11.83
CA ALA D 287 52.50 19.10 -10.36
C ALA D 287 52.60 17.72 -9.69
N ASP D 288 53.11 16.74 -10.43
CA ASP D 288 53.20 15.35 -9.98
C ASP D 288 51.88 14.83 -9.44
N ASN D 289 50.78 15.28 -10.03
CA ASN D 289 49.48 14.99 -9.49
C ASN D 289 48.76 13.87 -10.25
N TYR D 290 49.04 12.63 -9.86
CA TYR D 290 48.47 11.43 -10.46
C TYR D 290 46.95 11.36 -10.31
N GLN D 291 46.45 11.68 -9.11
CA GLN D 291 45.02 11.64 -8.83
C GLN D 291 44.21 12.55 -9.75
N ALA D 292 44.69 13.76 -9.97
CA ALA D 292 43.95 14.69 -10.83
C ALA D 292 43.93 14.19 -12.26
N CYS D 293 45.02 13.55 -12.70
CA CYS D 293 45.06 12.99 -14.06
C CYS D 293 44.12 11.80 -14.21
N LEU D 294 44.20 10.85 -13.26
CA LEU D 294 43.30 9.72 -13.27
C LEU D 294 41.81 10.10 -13.25
N GLY D 295 41.45 11.08 -12.42
CA GLY D 295 40.06 11.57 -12.35
C GLY D 295 39.59 12.13 -13.67
N SER D 296 40.44 12.90 -14.31
CA SER D 296 40.11 13.49 -15.60
C SER D 296 40.07 12.45 -16.72
N TYR D 297 40.93 11.43 -16.62
CA TYR D 297 40.90 10.32 -17.57
C TYR D 297 39.58 9.60 -17.45
N ALA D 298 39.24 9.20 -16.23
CA ALA D 298 37.99 8.46 -15.98
C ALA D 298 36.73 9.31 -16.30
N GLY D 299 36.89 10.61 -16.19
CA GLY D 299 35.83 11.54 -16.48
C GLY D 299 35.45 11.65 -17.95
N MET D 300 36.24 11.03 -18.83
CA MET D 300 35.89 10.98 -20.26
C MET D 300 35.14 9.70 -20.65
N ILE D 301 35.02 8.76 -19.73
CA ILE D 301 34.28 7.54 -20.00
C ILE D 301 32.79 7.89 -20.01
N GLY D 302 32.09 7.43 -21.05
CA GLY D 302 30.69 7.75 -21.22
C GLY D 302 30.39 8.89 -22.16
N PHE D 303 31.41 9.35 -22.89
CA PHE D 303 31.24 10.40 -23.92
C PHE D 303 31.80 9.95 -25.26
N ASP D 304 31.70 10.80 -26.29
CA ASP D 304 32.19 10.44 -27.64
C ASP D 304 33.67 9.96 -27.65
N MET D 305 34.47 10.58 -26.78
CA MET D 305 35.91 10.38 -26.70
C MET D 305 36.26 9.32 -25.64
N THR D 306 35.31 8.46 -25.28
CA THR D 306 35.52 7.43 -24.28
C THR D 306 36.81 6.67 -24.58
N PRO D 307 37.79 6.66 -23.66
CA PRO D 307 39.03 5.93 -23.87
C PRO D 307 38.99 4.55 -23.23
N ASN D 308 39.84 3.64 -23.70
CA ASN D 308 39.96 2.31 -23.11
C ASN D 308 41.25 1.67 -23.52
N TYR D 309 41.59 0.64 -22.76
CA TYR D 309 42.62 -0.31 -23.06
C TYR D 309 42.31 -0.87 -24.45
N VAL D 310 43.26 -0.74 -25.37
CA VAL D 310 43.06 -1.17 -26.74
C VAL D 310 43.09 -2.69 -26.89
N ASP D 311 43.62 -3.41 -25.90
CA ASP D 311 43.75 -4.87 -25.95
C ASP D 311 44.01 -5.42 -24.56
N SER D 312 44.23 -6.74 -24.47
CA SER D 312 44.39 -7.46 -23.22
C SER D 312 45.85 -7.85 -22.90
N SER D 313 46.80 -7.00 -23.29
CA SER D 313 48.20 -7.16 -22.89
C SER D 313 48.37 -6.89 -21.39
N PRO D 314 49.02 -7.82 -20.64
CA PRO D 314 49.04 -7.57 -19.19
C PRO D 314 49.75 -6.27 -18.74
N THR D 315 51.01 -6.10 -19.15
CA THR D 315 51.82 -4.92 -18.77
C THR D 315 51.87 -3.85 -19.84
N GLY D 316 52.14 -4.25 -21.09
CA GLY D 316 52.14 -3.30 -22.21
C GLY D 316 50.82 -2.51 -22.34
N ILE D 317 50.58 -1.59 -21.40
CA ILE D 317 49.33 -0.88 -21.32
C ILE D 317 49.30 0.21 -22.39
N VAL D 318 48.26 0.23 -23.19
CA VAL D 318 48.03 1.24 -24.15
C VAL D 318 46.53 1.58 -24.11
N VAL D 319 46.21 2.85 -23.89
CA VAL D 319 44.83 3.31 -23.90
C VAL D 319 44.65 4.32 -25.02
N SER D 320 43.45 4.39 -25.59
CA SER D 320 43.17 5.34 -26.65
C SER D 320 41.66 5.55 -26.76
N PRO D 321 41.22 6.72 -27.28
CA PRO D 321 39.82 6.77 -27.73
C PRO D 321 39.62 5.89 -28.99
N TRP D 322 38.38 5.74 -29.44
CA TRP D 322 38.10 4.90 -30.61
C TRP D 322 38.27 5.76 -31.88
N CYS D 323 39.49 5.78 -32.39
CA CYS D 323 39.86 6.65 -33.51
C CYS D 323 41.25 6.28 -33.99
N SER D 324 41.60 6.75 -35.19
CA SER D 324 42.95 6.59 -35.76
C SER D 324 43.35 7.86 -36.51
N CYS D 325 44.60 7.87 -36.95
CA CYS D 325 45.12 8.98 -37.76
C CYS D 325 45.12 8.75 -39.28
N ARG D 326 44.41 7.73 -39.73
CA ARG D 326 44.20 7.51 -41.16
C ARG D 326 43.27 8.58 -41.71
N GLY D 327 43.61 9.06 -42.90
CA GLY D 327 42.79 10.07 -43.59
C GLY D 327 42.93 11.44 -42.96
N SER D 328 44.13 11.76 -42.51
CA SER D 328 44.41 13.07 -41.91
C SER D 328 44.72 14.09 -43.00
N GLY D 329 45.54 13.66 -43.96
CA GLY D 329 45.98 14.50 -45.07
C GLY D 329 47.10 15.39 -44.59
N ASN D 330 46.80 16.69 -44.50
CA ASN D 330 47.76 17.69 -44.01
C ASN D 330 47.68 17.93 -42.49
N MET D 331 46.91 17.09 -41.80
CA MET D 331 46.79 17.14 -40.35
C MET D 331 47.47 15.97 -39.67
N GLU D 332 48.02 15.03 -40.43
CA GLU D 332 48.72 13.88 -39.87
C GLU D 332 49.63 14.27 -38.67
N GLU D 333 50.20 15.47 -38.70
CA GLU D 333 51.04 15.97 -37.61
C GLU D 333 50.19 16.32 -36.37
N GLU D 334 49.13 17.07 -36.61
CA GLU D 334 48.22 17.47 -35.56
C GLU D 334 47.42 16.27 -34.99
N CYS D 335 46.97 15.36 -35.86
CA CYS D 335 46.20 14.19 -35.43
C CYS D 335 47.04 13.29 -34.54
N GLU D 336 48.30 13.09 -34.92
CA GLU D 336 49.19 12.18 -34.19
C GLU D 336 49.56 12.76 -32.82
N LYS D 337 49.65 14.09 -32.75
CA LYS D 337 50.00 14.78 -31.53
C LYS D 337 48.85 14.63 -30.54
N PHE D 338 47.64 14.73 -31.08
CA PHE D 338 46.44 14.58 -30.29
C PHE D 338 46.32 13.17 -29.73
N LEU D 339 46.63 12.19 -30.56
CA LEU D 339 46.51 10.82 -30.16
C LEU D 339 47.57 10.41 -29.15
N ARG D 340 48.77 10.99 -29.26
CA ARG D 340 49.87 10.69 -28.34
C ARG D 340 49.63 11.11 -26.88
N ASP D 341 48.81 12.11 -26.67
CA ASP D 341 48.35 12.46 -25.32
C ASP D 341 47.64 11.30 -24.55
N PHE D 342 47.15 10.31 -25.31
CA PHE D 342 46.59 9.06 -24.79
C PHE D 342 47.58 7.92 -24.89
N THR D 343 48.11 7.72 -26.10
CA THR D 343 48.81 6.46 -26.41
C THR D 343 50.25 6.47 -25.99
N GLU D 344 50.87 7.65 -25.98
CA GLU D 344 52.29 7.74 -25.73
C GLU D 344 52.64 8.79 -24.65
N ASN D 345 51.85 8.80 -23.60
CA ASN D 345 51.92 9.86 -22.61
C ASN D 345 52.55 9.32 -21.33
N PRO D 346 53.80 9.69 -21.04
CA PRO D 346 54.42 9.17 -19.83
C PRO D 346 53.68 9.54 -18.55
N CYS D 347 52.94 10.66 -18.55
CA CYS D 347 52.15 11.01 -17.36
C CYS D 347 51.04 9.97 -17.08
N LEU D 348 50.18 9.77 -18.08
CA LEU D 348 49.08 8.82 -17.98
C LEU D 348 49.61 7.42 -17.71
N ARG D 349 50.67 7.05 -18.39
CA ARG D 349 51.30 5.77 -18.19
C ARG D 349 51.70 5.58 -16.73
N ASN D 350 52.47 6.55 -16.21
CA ASN D 350 52.96 6.50 -14.86
C ASN D 350 51.83 6.54 -13.82
N ALA D 351 50.80 7.32 -14.10
CA ALA D 351 49.67 7.43 -13.15
C ALA D 351 48.91 6.12 -13.03
N ILE D 352 48.61 5.48 -14.17
CA ILE D 352 47.93 4.18 -14.19
C ILE D 352 48.79 3.10 -13.52
N GLN D 353 50.07 3.07 -13.85
CA GLN D 353 50.98 2.09 -13.22
C GLN D 353 51.17 2.32 -11.72
N ALA D 354 51.24 3.58 -11.27
CA ALA D 354 51.43 3.85 -9.82
C ALA D 354 50.19 3.51 -9.01
N PHE D 355 49.03 3.64 -9.63
CA PHE D 355 47.83 3.29 -8.93
C PHE D 355 47.78 1.79 -8.63
N GLY D 356 48.00 1.00 -9.68
CA GLY D 356 48.01 -0.46 -9.58
C GLY D 356 49.05 -1.05 -8.65
N ASN D 357 50.20 -0.38 -8.54
CA ASN D 357 51.28 -0.80 -7.63
C ASN D 357 50.98 -0.56 -6.14
N GLY D 358 50.05 0.35 -5.84
CA GLY D 358 49.68 0.67 -4.45
C GLY D 358 50.62 1.66 -3.76
N THR D 359 51.50 2.30 -4.53
CA THR D 359 52.45 3.29 -4.02
C THR D 359 53.02 4.12 -5.18
C1 PEG E . 5.93 -17.44 -6.04
O1 PEG E . 7.28 -17.90 -6.15
C2 PEG E . 5.02 -18.56 -5.55
O2 PEG E . 4.70 -19.49 -6.59
C3 PEG E . 3.45 -20.18 -6.52
C4 PEG E . 2.33 -19.59 -7.43
O4 PEG E . 1.35 -20.58 -7.81
C FMT F . -47.41 -11.78 23.14
O1 FMT F . -48.14 -10.84 22.63
O2 FMT F . -46.75 -11.62 24.33
C FMT G . 49.34 4.84 -22.40
O1 FMT G . 48.70 4.52 -23.43
O2 FMT G . 49.79 6.14 -22.25
C FMT H . 46.78 -9.19 -26.64
O1 FMT H . 45.53 -9.03 -26.73
O2 FMT H . 47.30 -10.01 -25.67
#